data_6KSM
#
_entry.id   6KSM
#
_cell.length_a   132.510
_cell.length_b   132.510
_cell.length_c   248.243
_cell.angle_alpha   90.000
_cell.angle_beta   90.000
_cell.angle_gamma   90.000
#
_symmetry.space_group_name_H-M   'P 41 2 2'
#
loop_
_entity.id
_entity.type
_entity.pdbx_description
1 polymer 'Lipase 2'
2 non-polymer 'ZINC ION'
3 non-polymer 'CALCIUM ION'
4 non-polymer '(2S,3S,5S)-5-[(N-FORMYL-L-LEUCYL)OXY]-2-HEXYL-3-HYDROXYHEXADECANOIC ACID'
5 non-polymer 'LAURIC ACID'
6 non-polymer 'butanoic acid'
7 non-polymer 'STEARIC ACID'
8 water water
#
_entity_poly.entity_id   1
_entity_poly.type   'polypeptide(L)'
_entity_poly.pdbx_seq_one_letter_code
;MNHKVHHHHHHMKANQVQPLNKYPVVFVHGFLGLVGDNAPALYPNYWGGNKFKVIEELRKQGYNVHQASVSAFGSNYDRA
VQLYYYIKGGRVDYGAAHAAKYGHERYGKTYKGIMPNWEPGKKVHLVGHSMGGQTIRLMEEFLRNGNKEEIAYHQAHGGE
ISPLFTGGHNNMVASITTLATPHNGSQAADKFGNTEAVRKIMFALNRFMGNKYSNIDLGLTQWGFKQLPNESYIDYIKRV
SKSKIWTSDDNAAYDLTLDGSAKLNNMTSMNPNITYTTYTGVSSHTGPLGYENPDLGTFFLMDTTSRIIGHDAREEWRKN
DGVVPVISSLHPSNQPFVNVTNNEPATRRGIWQVKPILQGWDHVDFIGVDFLDFKRKGSELANFYIGIINDLLSVEATEG
KGTQLKAS
;
_entity_poly.pdbx_strand_id   A,B
#
# COMPACT_ATOMS: atom_id res chain seq x y z
N GLN A 18 -33.78 -12.58 24.47
CA GLN A 18 -33.26 -12.91 23.07
C GLN A 18 -31.67 -12.86 22.89
N PRO A 19 -30.99 -11.65 22.96
CA PRO A 19 -29.46 -11.62 22.82
C PRO A 19 -28.70 -12.28 23.96
N LEU A 20 -27.55 -12.90 23.70
CA LEU A 20 -26.80 -13.60 24.77
C LEU A 20 -26.27 -12.68 25.90
N ASN A 21 -25.82 -11.47 25.54
CA ASN A 21 -25.48 -10.43 26.49
C ASN A 21 -26.73 -9.61 26.83
N LYS A 22 -26.99 -9.50 28.13
CA LYS A 22 -28.07 -8.70 28.68
C LYS A 22 -27.83 -7.19 28.43
N TYR A 23 -26.56 -6.76 28.38
CA TYR A 23 -26.29 -5.35 28.15
C TYR A 23 -25.62 -5.18 26.83
N PRO A 24 -26.05 -4.18 26.07
CA PRO A 24 -25.46 -4.03 24.72
C PRO A 24 -23.97 -3.66 24.78
N VAL A 25 -23.14 -4.15 23.86
CA VAL A 25 -21.78 -3.70 23.72
C VAL A 25 -21.64 -2.56 22.67
N VAL A 26 -21.09 -1.41 23.06
CA VAL A 26 -20.78 -0.35 22.14
C VAL A 26 -19.26 -0.23 21.98
N PHE A 27 -18.78 -0.44 20.75
CA PHE A 27 -17.39 -0.26 20.31
C PHE A 27 -17.16 1.14 19.87
N VAL A 28 -16.10 1.77 20.42
CA VAL A 28 -15.81 3.14 20.16
C VAL A 28 -14.43 3.34 19.51
N HIS A 29 -14.39 4.00 18.33
CA HIS A 29 -13.19 4.00 17.47
C HIS A 29 -12.25 5.12 17.98
N GLY A 30 -11.00 5.15 17.53
CA GLY A 30 -10.17 6.32 17.99
C GLY A 30 -10.09 7.48 16.99
N PHE A 31 -8.89 8.05 16.88
CA PHE A 31 -8.61 9.26 16.16
C PHE A 31 -8.42 8.79 14.73
N LEU A 32 -8.99 9.56 13.75
CA LEU A 32 -9.00 9.21 12.33
C LEU A 32 -9.94 8.07 12.05
N GLY A 33 -10.68 7.56 13.02
CA GLY A 33 -11.58 6.51 12.67
C GLY A 33 -12.92 6.93 12.06
N LEU A 34 -13.35 6.21 11.01
CA LEU A 34 -14.62 6.55 10.28
C LEU A 34 -15.34 5.23 10.17
N VAL A 35 -16.60 5.20 10.61
CA VAL A 35 -17.26 3.90 10.49
C VAL A 35 -18.60 3.96 9.70
N GLY A 36 -19.08 2.77 9.30
CA GLY A 36 -20.51 2.58 8.87
C GLY A 36 -20.82 3.45 7.62
N ASP A 37 -21.90 4.25 7.73
CA ASP A 37 -22.29 5.06 6.60
C ASP A 37 -21.37 6.22 6.25
N ASN A 38 -20.63 6.64 7.30
CA ASN A 38 -19.75 7.76 7.29
C ASN A 38 -18.35 7.40 6.79
N ALA A 39 -18.15 6.18 6.29
CA ALA A 39 -16.78 5.94 5.79
C ALA A 39 -16.65 6.27 4.34
N PRO A 40 -15.47 6.78 3.92
CA PRO A 40 -15.17 7.08 2.51
C PRO A 40 -15.41 5.90 1.66
N ALA A 41 -15.49 6.19 0.37
CA ALA A 41 -16.05 5.26 -0.58
C ALA A 41 -15.12 3.94 -0.65
N LEU A 42 -13.83 4.14 -0.41
CA LEU A 42 -12.85 3.08 -0.28
C LEU A 42 -12.13 3.41 1.01
N TYR A 43 -12.28 2.59 2.04
CA TYR A 43 -11.68 2.81 3.36
C TYR A 43 -11.84 1.51 4.11
N PRO A 44 -10.85 1.13 4.93
CA PRO A 44 -10.86 -0.13 5.67
C PRO A 44 -11.99 -0.28 6.65
N ASN A 45 -12.48 -1.49 6.85
CA ASN A 45 -13.57 -1.65 7.83
C ASN A 45 -12.90 -1.52 9.25
N TYR A 46 -13.23 -0.47 9.99
CA TYR A 46 -12.54 -0.21 11.28
C TYR A 46 -12.44 -1.39 12.26
N TRP A 47 -13.58 -2.00 12.58
CA TRP A 47 -13.59 -3.03 13.58
C TRP A 47 -13.34 -4.39 12.94
N GLY A 48 -12.06 -4.66 12.66
CA GLY A 48 -11.68 -6.04 12.26
C GLY A 48 -11.14 -6.19 10.86
N GLY A 49 -11.14 -5.07 10.10
CA GLY A 49 -10.47 -5.03 8.80
C GLY A 49 -11.19 -6.08 7.90
N ASN A 50 -10.43 -6.85 7.09
CA ASN A 50 -11.01 -8.10 6.52
C ASN A 50 -10.71 -9.40 7.28
N LYS A 51 -10.20 -9.25 8.50
CA LYS A 51 -9.69 -10.40 9.21
C LYS A 51 -10.79 -11.03 10.05
N PHE A 52 -11.55 -10.20 10.72
CA PHE A 52 -12.65 -10.68 11.54
C PHE A 52 -13.60 -9.47 11.67
N LYS A 53 -14.76 -9.57 11.04
CA LYS A 53 -15.72 -8.49 10.90
C LYS A 53 -16.48 -8.36 12.21
N VAL A 54 -15.94 -7.58 13.14
CA VAL A 54 -16.37 -7.64 14.53
C VAL A 54 -17.86 -7.53 14.67
N ILE A 55 -18.46 -6.45 14.14
CA ILE A 55 -19.91 -6.21 14.31
C ILE A 55 -20.76 -7.33 13.69
N GLU A 56 -20.44 -7.70 12.45
CA GLU A 56 -21.25 -8.65 11.72
C GLU A 56 -21.15 -10.07 12.30
N GLU A 57 -19.93 -10.54 12.61
CA GLU A 57 -19.71 -11.91 13.14
C GLU A 57 -20.31 -12.08 14.57
N LEU A 58 -20.05 -11.10 15.47
CA LEU A 58 -20.66 -11.13 16.78
C LEU A 58 -22.19 -11.12 16.75
N ARG A 59 -22.81 -10.39 15.79
CA ARG A 59 -24.28 -10.45 15.63
C ARG A 59 -24.73 -11.83 15.22
N LYS A 60 -24.00 -12.38 14.24
CA LYS A 60 -24.31 -13.74 13.77
C LYS A 60 -24.27 -14.76 14.91
N GLN A 61 -23.35 -14.61 15.89
CA GLN A 61 -23.19 -15.52 17.06
C GLN A 61 -24.20 -15.30 18.16
N GLY A 62 -25.09 -14.33 17.97
CA GLY A 62 -26.12 -14.00 18.95
C GLY A 62 -25.85 -12.82 19.89
N TYR A 63 -24.78 -12.02 19.68
CA TYR A 63 -24.55 -10.89 20.58
C TYR A 63 -25.12 -9.58 20.04
N ASN A 64 -25.68 -8.76 20.93
CA ASN A 64 -26.06 -7.41 20.60
C ASN A 64 -24.85 -6.46 20.72
N VAL A 65 -24.32 -6.07 19.56
CA VAL A 65 -23.17 -5.16 19.49
C VAL A 65 -23.43 -3.97 18.55
N HIS A 66 -22.80 -2.82 18.82
CA HIS A 66 -22.87 -1.65 17.94
C HIS A 66 -21.48 -0.98 17.83
N GLN A 67 -21.38 -0.15 16.84
CA GLN A 67 -20.17 0.50 16.40
C GLN A 67 -20.55 1.98 16.61
N ALA A 68 -20.03 2.70 17.58
CA ALA A 68 -20.45 4.10 17.63
C ALA A 68 -19.79 4.88 16.51
N SER A 69 -20.40 6.00 16.20
CA SER A 69 -19.78 6.91 15.21
C SER A 69 -19.60 8.30 15.85
N VAL A 70 -18.38 8.76 16.11
CA VAL A 70 -18.26 10.10 16.79
C VAL A 70 -17.10 10.78 16.03
N SER A 71 -16.87 12.04 16.34
CA SER A 71 -15.90 12.84 15.64
C SER A 71 -14.54 12.15 15.50
N ALA A 72 -14.00 12.15 14.29
CA ALA A 72 -12.72 11.52 14.00
C ALA A 72 -11.53 12.47 14.40
N PHE A 73 -11.75 13.79 14.45
CA PHE A 73 -10.65 14.71 14.66
C PHE A 73 -10.97 15.57 15.92
N GLY A 74 -12.14 15.45 16.50
CA GLY A 74 -12.46 16.37 17.65
C GLY A 74 -11.77 15.98 18.96
N SER A 75 -11.84 16.86 19.96
CA SER A 75 -11.53 16.57 21.39
C SER A 75 -12.25 15.41 22.04
N ASN A 76 -11.62 14.80 23.07
CA ASN A 76 -12.36 13.88 23.93
C ASN A 76 -13.66 14.47 24.43
N TYR A 77 -13.68 15.77 24.71
CA TYR A 77 -14.88 16.34 25.22
C TYR A 77 -15.94 16.34 24.06
N ASP A 78 -15.60 16.85 22.87
CA ASP A 78 -16.67 16.93 21.80
C ASP A 78 -17.09 15.44 21.53
N ARG A 79 -16.13 14.47 21.49
CA ARG A 79 -16.48 13.03 21.19
C ARG A 79 -17.37 12.38 22.26
N ALA A 80 -17.18 12.80 23.50
CA ALA A 80 -17.87 12.09 24.60
C ALA A 80 -19.31 12.56 24.59
N VAL A 81 -19.55 13.87 24.38
CA VAL A 81 -20.91 14.34 24.19
C VAL A 81 -21.53 13.58 22.98
N GLN A 82 -20.77 13.40 21.90
CA GLN A 82 -21.41 12.76 20.70
C GLN A 82 -21.73 11.27 21.05
N LEU A 83 -20.91 10.65 21.91
CA LEU A 83 -21.17 9.24 22.27
C LEU A 83 -22.43 9.14 23.06
N TYR A 84 -22.63 10.05 24.02
CA TYR A 84 -23.87 10.05 24.79
C TYR A 84 -25.06 10.12 23.77
N TYR A 85 -25.00 11.08 22.84
CA TYR A 85 -26.17 11.18 21.89
C TYR A 85 -26.25 10.04 20.90
N TYR A 86 -25.10 9.50 20.45
CA TYR A 86 -25.13 8.28 19.65
C TYR A 86 -25.87 7.18 20.40
N ILE A 87 -25.71 7.08 21.75
CA ILE A 87 -26.37 5.95 22.39
C ILE A 87 -27.84 6.35 22.65
N LYS A 88 -28.04 7.49 23.30
CA LYS A 88 -29.36 7.86 23.76
C LYS A 88 -30.28 8.39 22.63
N GLY A 89 -29.71 9.04 21.61
CA GLY A 89 -30.49 9.77 20.61
C GLY A 89 -30.72 11.20 21.01
N GLY A 90 -30.80 12.07 20.00
CA GLY A 90 -31.21 13.41 20.21
C GLY A 90 -30.17 14.31 19.57
N ARG A 91 -30.38 15.60 19.77
CA ARG A 91 -29.50 16.56 19.17
C ARG A 91 -28.27 16.89 20.12
N VAL A 92 -27.08 16.71 19.62
CA VAL A 92 -25.84 16.91 20.31
C VAL A 92 -25.81 18.33 20.85
N ASP A 93 -25.52 18.44 22.16
CA ASP A 93 -25.47 19.77 22.86
C ASP A 93 -24.09 19.81 23.59
N TYR A 94 -23.11 20.52 23.02
CA TYR A 94 -21.81 20.55 23.59
C TYR A 94 -21.77 21.39 24.89
N GLY A 95 -22.85 22.13 25.14
CA GLY A 95 -22.94 22.97 26.33
C GLY A 95 -22.68 24.41 26.06
N ALA A 96 -23.45 25.30 26.68
CA ALA A 96 -23.25 26.73 26.42
C ALA A 96 -21.87 27.23 26.86
N ALA A 97 -21.41 26.84 28.10
CA ALA A 97 -20.13 27.35 28.62
C ALA A 97 -19.01 26.87 27.71
N HIS A 98 -19.03 25.59 27.34
CA HIS A 98 -17.94 25.08 26.55
C HIS A 98 -17.93 25.78 25.12
N ALA A 99 -19.10 25.84 24.45
CA ALA A 99 -19.24 26.50 23.15
C ALA A 99 -18.63 27.91 23.15
N ALA A 100 -19.03 28.71 24.15
CA ALA A 100 -18.55 30.08 24.35
C ALA A 100 -17.07 30.11 24.69
N LYS A 101 -16.61 29.17 25.50
CA LYS A 101 -15.20 29.20 25.86
C LYS A 101 -14.34 28.89 24.60
N TYR A 102 -14.67 27.84 23.84
CA TYR A 102 -13.79 27.52 22.71
C TYR A 102 -14.09 28.12 21.33
N GLY A 103 -15.32 28.69 21.16
CA GLY A 103 -15.74 29.40 19.93
C GLY A 103 -16.19 28.46 18.83
N HIS A 104 -16.97 27.46 19.22
CA HIS A 104 -17.63 26.67 18.26
C HIS A 104 -19.12 26.51 18.53
N GLU A 105 -19.87 25.91 17.61
CA GLU A 105 -21.31 25.84 17.81
C GLU A 105 -21.64 25.07 19.11
N ARG A 106 -22.65 25.52 19.81
CA ARG A 106 -23.24 24.78 20.84
C ARG A 106 -23.85 23.45 20.34
N TYR A 107 -24.51 23.47 19.17
CA TYR A 107 -25.37 22.29 18.74
C TYR A 107 -24.74 21.62 17.56
N GLY A 108 -24.82 20.31 17.52
CA GLY A 108 -24.16 19.56 16.45
C GLY A 108 -25.17 18.67 15.77
N LYS A 109 -24.74 17.52 15.26
CA LYS A 109 -25.60 16.64 14.49
C LYS A 109 -26.74 16.03 15.33
N THR A 110 -27.66 15.32 14.69
CA THR A 110 -28.64 14.73 15.54
C THR A 110 -28.75 13.25 15.29
N TYR A 111 -28.86 12.43 16.32
CA TYR A 111 -28.62 11.02 16.13
C TYR A 111 -29.92 10.32 16.36
N LYS A 112 -30.14 9.19 15.70
CA LYS A 112 -31.37 8.54 16.01
C LYS A 112 -31.33 7.88 17.39
N GLY A 113 -30.16 7.43 17.86
CA GLY A 113 -30.14 6.71 19.13
C GLY A 113 -30.31 5.23 19.01
N ILE A 114 -29.30 4.49 19.43
CA ILE A 114 -29.32 3.05 19.46
C ILE A 114 -30.16 2.51 20.63
N MET A 115 -30.28 3.25 21.72
CA MET A 115 -31.05 2.76 22.89
C MET A 115 -31.75 3.95 23.47
N PRO A 116 -32.91 4.34 22.89
CA PRO A 116 -33.44 5.66 23.35
C PRO A 116 -33.95 5.61 24.81
N ASN A 117 -34.03 4.38 25.37
CA ASN A 117 -34.55 4.17 26.74
C ASN A 117 -33.42 4.02 27.77
N TRP A 118 -32.18 4.25 27.35
CA TRP A 118 -31.00 4.36 28.22
C TRP A 118 -31.23 5.30 29.39
N GLU A 119 -31.05 4.70 30.56
CA GLU A 119 -31.37 5.33 31.86
C GLU A 119 -30.81 4.46 33.02
N PRO A 120 -30.75 5.03 34.25
CA PRO A 120 -30.24 4.21 35.40
C PRO A 120 -30.95 2.89 35.42
N GLY A 121 -30.24 1.76 35.44
CA GLY A 121 -30.89 0.43 35.40
C GLY A 121 -30.57 -0.32 34.10
N LYS A 122 -30.47 0.39 32.98
CA LYS A 122 -30.23 -0.25 31.70
C LYS A 122 -28.84 0.08 31.29
N LYS A 123 -27.97 -0.89 31.31
CA LYS A 123 -26.56 -0.54 31.15
C LYS A 123 -26.02 -0.91 29.81
N VAL A 124 -24.81 -0.42 29.58
CA VAL A 124 -24.09 -0.72 28.37
C VAL A 124 -22.63 -1.15 28.70
N HIS A 125 -22.03 -2.02 27.89
CA HIS A 125 -20.62 -2.29 27.95
C HIS A 125 -19.96 -1.35 26.92
N LEU A 126 -18.85 -0.68 27.29
CA LEU A 126 -18.08 0.25 26.43
C LEU A 126 -16.67 -0.28 26.12
N VAL A 127 -16.36 -0.52 24.85
CA VAL A 127 -15.06 -0.91 24.45
C VAL A 127 -14.48 0.03 23.45
N GLY A 128 -13.30 0.54 23.82
CA GLY A 128 -12.66 1.64 23.13
C GLY A 128 -11.34 1.21 22.52
N HIS A 129 -11.02 1.71 21.35
CA HIS A 129 -9.73 1.45 20.75
C HIS A 129 -9.05 2.79 20.64
N SER A 130 -7.77 2.87 20.94
CA SER A 130 -7.01 4.11 20.98
C SER A 130 -7.75 5.19 21.73
N MET A 131 -7.92 6.33 21.10
CA MET A 131 -8.60 7.43 21.72
C MET A 131 -9.98 7.07 22.20
N GLY A 132 -10.59 6.05 21.63
CA GLY A 132 -11.94 5.67 22.10
C GLY A 132 -12.01 5.36 23.61
N GLY A 133 -10.88 4.81 24.14
CA GLY A 133 -10.75 4.49 25.58
C GLY A 133 -10.85 5.73 26.45
N GLN A 134 -10.28 6.85 25.96
CA GLN A 134 -10.39 8.13 26.65
C GLN A 134 -11.77 8.67 26.54
N THR A 135 -12.40 8.50 25.37
CA THR A 135 -13.68 9.12 25.23
C THR A 135 -14.70 8.44 26.15
N ILE A 136 -14.67 7.09 26.22
CA ILE A 136 -15.52 6.35 27.12
C ILE A 136 -15.41 6.91 28.57
N ARG A 137 -14.17 7.19 29.04
CA ARG A 137 -13.99 7.59 30.45
C ARG A 137 -14.59 8.97 30.62
N LEU A 138 -14.45 9.87 29.62
CA LEU A 138 -15.00 11.20 29.87
C LEU A 138 -16.52 11.09 29.95
N MET A 139 -17.09 10.20 29.15
CA MET A 139 -18.58 10.19 29.10
C MET A 139 -19.07 9.70 30.44
N GLU A 140 -18.48 8.61 30.90
CA GLU A 140 -18.85 8.11 32.26
C GLU A 140 -18.65 9.20 33.31
N GLU A 141 -17.53 9.92 33.25
CA GLU A 141 -17.38 11.06 34.11
C GLU A 141 -18.52 12.08 34.04
N PHE A 142 -19.05 12.40 32.81
CA PHE A 142 -20.20 13.30 32.74
C PHE A 142 -21.47 12.69 33.34
N LEU A 143 -21.76 11.45 33.05
CA LEU A 143 -22.97 10.87 33.62
C LEU A 143 -23.00 10.94 35.17
N ARG A 144 -21.86 10.55 35.78
CA ARG A 144 -21.75 10.44 37.27
C ARG A 144 -21.62 11.83 37.89
N ASN A 145 -20.79 12.67 37.30
CA ASN A 145 -20.50 13.93 37.96
C ASN A 145 -20.98 15.19 37.29
N GLY A 146 -21.46 15.16 36.02
CA GLY A 146 -21.91 16.37 35.34
C GLY A 146 -20.71 17.16 34.88
N ASN A 147 -20.86 18.42 34.53
CA ASN A 147 -19.80 19.18 34.01
C ASN A 147 -20.00 20.48 34.73
N LYS A 148 -19.03 20.80 35.56
CA LYS A 148 -19.21 21.83 36.58
C LYS A 148 -19.47 23.19 35.93
N GLU A 149 -18.68 23.49 34.90
CA GLU A 149 -18.83 24.78 34.16
C GLU A 149 -20.25 24.91 33.54
N GLU A 150 -20.84 23.84 33.04
CA GLU A 150 -22.20 23.92 32.49
C GLU A 150 -23.18 24.10 33.59
N ILE A 151 -23.04 23.36 34.69
CA ILE A 151 -23.96 23.54 35.86
C ILE A 151 -23.91 25.01 36.30
N ALA A 152 -22.70 25.59 36.39
CA ALA A 152 -22.54 26.98 36.92
C ALA A 152 -23.17 27.93 35.91
N TYR A 153 -22.86 27.68 34.64
CA TYR A 153 -23.44 28.47 33.56
C TYR A 153 -25.01 28.48 33.60
N HIS A 154 -25.62 27.30 33.71
CA HIS A 154 -27.09 27.15 33.77
C HIS A 154 -27.66 27.82 35.04
N GLN A 155 -26.91 27.76 36.15
CA GLN A 155 -27.26 28.47 37.39
C GLN A 155 -27.34 29.99 37.24
N ALA A 156 -26.32 30.57 36.59
CA ALA A 156 -26.18 32.00 36.39
C ALA A 156 -27.10 32.52 35.25
N HIS A 157 -27.31 31.78 34.16
CA HIS A 157 -27.99 32.36 32.98
C HIS A 157 -29.33 31.76 32.60
N GLY A 158 -29.86 30.79 33.33
CA GLY A 158 -31.09 30.00 32.97
C GLY A 158 -30.81 29.22 31.70
N GLY A 159 -31.75 29.19 30.77
CA GLY A 159 -31.68 28.32 29.59
C GLY A 159 -31.95 26.83 29.93
N GLU A 160 -31.51 25.95 29.04
CA GLU A 160 -31.65 24.53 29.23
C GLU A 160 -30.26 23.96 29.44
N ILE A 161 -30.21 22.85 30.17
CA ILE A 161 -28.90 22.16 30.30
C ILE A 161 -29.06 20.71 29.90
N SER A 162 -28.20 20.20 29.04
CA SER A 162 -28.29 18.75 28.74
C SER A 162 -28.27 17.88 30.02
N PRO A 163 -29.12 16.85 30.09
CA PRO A 163 -28.96 15.95 31.28
C PRO A 163 -27.59 15.22 31.34
N LEU A 164 -26.79 15.28 30.27
CA LEU A 164 -25.47 14.70 30.33
C LEU A 164 -24.55 15.47 31.33
N PHE A 165 -24.90 16.72 31.63
CA PHE A 165 -24.02 17.63 32.29
C PHE A 165 -24.43 17.89 33.75
N THR A 166 -25.44 17.21 34.19
CA THR A 166 -26.09 17.54 35.41
C THR A 166 -25.57 16.68 36.59
N GLY A 167 -25.09 15.47 36.26
CA GLY A 167 -24.59 14.47 37.20
C GLY A 167 -25.71 13.70 37.82
N GLY A 168 -25.41 12.60 38.53
CA GLY A 168 -26.46 11.85 39.26
C GLY A 168 -26.90 10.61 38.45
N HIS A 169 -26.28 10.33 37.31
CA HIS A 169 -26.81 9.28 36.42
C HIS A 169 -25.91 8.04 36.48
N ASN A 170 -26.25 7.07 37.33
CA ASN A 170 -25.41 5.91 37.50
C ASN A 170 -26.09 4.67 37.11
N ASN A 171 -25.37 3.55 37.16
CA ASN A 171 -25.93 2.29 36.70
C ASN A 171 -26.30 2.32 35.21
N MET A 172 -25.45 2.96 34.44
CA MET A 172 -25.69 3.09 33.02
C MET A 172 -24.53 2.43 32.26
N VAL A 173 -23.36 2.36 32.90
CA VAL A 173 -22.29 1.64 32.30
C VAL A 173 -21.78 0.48 33.12
N ALA A 174 -21.80 -0.73 32.55
CA ALA A 174 -21.30 -1.92 33.18
C ALA A 174 -19.80 -2.01 33.14
N SER A 175 -19.16 -1.51 32.09
CA SER A 175 -17.74 -1.84 31.92
C SER A 175 -17.05 -0.98 30.95
N ILE A 176 -15.75 -0.86 31.18
CA ILE A 176 -14.90 0.02 30.37
C ILE A 176 -13.69 -0.82 30.01
N THR A 177 -13.61 -1.16 28.74
CA THR A 177 -12.50 -1.91 28.26
C THR A 177 -11.74 -1.23 27.13
N THR A 178 -10.41 -1.13 27.27
CA THR A 178 -9.59 -0.29 26.42
C THR A 178 -8.54 -1.09 25.71
N LEU A 179 -8.32 -0.75 24.45
CA LEU A 179 -7.36 -1.50 23.61
C LEU A 179 -6.38 -0.51 23.02
N ALA A 180 -5.12 -0.60 23.37
CA ALA A 180 -4.11 0.33 22.88
C ALA A 180 -4.53 1.80 23.10
N THR A 181 -5.22 2.11 24.20
CA THR A 181 -5.55 3.46 24.54
C THR A 181 -4.38 4.24 25.10
N PRO A 182 -4.07 5.42 24.50
CA PRO A 182 -3.04 6.26 25.12
C PRO A 182 -3.56 7.02 26.40
N HIS A 183 -3.91 6.24 27.41
CA HIS A 183 -4.27 6.87 28.72
C HIS A 183 -3.32 7.96 29.22
N ASN A 184 -2.01 7.87 28.94
CA ASN A 184 -1.02 8.90 29.38
C ASN A 184 -0.40 9.66 28.22
N GLY A 185 -1.06 9.54 27.06
CA GLY A 185 -0.69 10.37 25.91
C GLY A 185 0.35 9.62 25.10
N SER A 186 0.85 10.23 24.05
CA SER A 186 1.84 9.58 23.23
C SER A 186 2.69 10.69 22.65
N GLN A 187 3.98 10.42 22.58
CA GLN A 187 4.94 11.34 22.05
C GLN A 187 4.74 11.49 20.55
N ALA A 188 4.08 10.50 19.89
CA ALA A 188 3.76 10.64 18.48
C ALA A 188 2.74 11.86 18.33
N ALA A 189 1.94 12.18 19.35
CA ALA A 189 1.21 13.40 19.33
C ALA A 189 2.10 14.63 19.63
N ASP A 190 2.85 14.64 20.75
CA ASP A 190 3.63 15.84 21.12
C ASP A 190 4.58 16.27 20.01
N LYS A 191 5.18 15.31 19.29
CA LYS A 191 6.29 15.62 18.41
C LYS A 191 5.95 15.52 16.92
N PHE A 192 4.70 15.24 16.62
CA PHE A 192 4.18 15.15 15.29
C PHE A 192 2.76 14.81 15.51
N GLY A 193 1.84 15.60 15.04
CA GLY A 193 0.47 15.26 15.28
C GLY A 193 -0.12 16.48 15.86
N ASN A 194 0.56 17.03 16.83
CA ASN A 194 0.14 18.26 17.40
C ASN A 194 1.09 19.34 16.99
N THR A 195 2.06 19.06 16.11
CA THR A 195 2.92 20.23 15.69
C THR A 195 2.09 21.14 14.79
N GLU A 196 2.43 22.43 14.73
CA GLU A 196 1.78 23.40 13.87
C GLU A 196 1.57 22.85 12.45
N ALA A 197 2.62 22.30 11.86
CA ALA A 197 2.57 21.91 10.48
C ALA A 197 1.54 20.75 10.26
N VAL A 198 1.39 19.82 11.22
CA VAL A 198 0.46 18.79 10.98
C VAL A 198 -0.98 19.11 11.31
N ARG A 199 -1.19 19.97 12.30
CA ARG A 199 -2.51 20.46 12.60
C ARG A 199 -3.08 21.18 11.32
N LYS A 200 -2.26 21.98 10.68
CA LYS A 200 -2.64 22.54 9.39
C LYS A 200 -3.06 21.53 8.29
N ILE A 201 -2.33 20.44 8.17
CA ILE A 201 -2.72 19.41 7.22
C ILE A 201 -4.09 18.84 7.58
N MET A 202 -4.23 18.45 8.84
CA MET A 202 -5.46 17.91 9.33
C MET A 202 -6.61 18.87 9.06
N PHE A 203 -6.39 20.13 9.38
CA PHE A 203 -7.52 21.03 9.39
C PHE A 203 -7.93 21.36 7.92
N ALA A 204 -6.94 21.41 7.02
CA ALA A 204 -7.16 21.61 5.57
C ALA A 204 -8.01 20.44 5.06
N LEU A 205 -7.74 19.23 5.54
CA LEU A 205 -8.47 18.04 5.12
C LEU A 205 -9.91 18.22 5.58
N ASN A 206 -10.10 18.73 6.80
CA ASN A 206 -11.44 18.89 7.34
C ASN A 206 -12.18 19.95 6.50
N ARG A 207 -11.48 20.98 6.08
CA ARG A 207 -12.13 22.06 5.35
C ARG A 207 -12.57 21.42 4.02
N PHE A 208 -11.63 20.75 3.34
CA PHE A 208 -11.95 20.11 2.10
C PHE A 208 -13.16 19.22 2.22
N MET A 209 -13.15 18.30 3.20
CA MET A 209 -14.24 17.33 3.24
C MET A 209 -15.54 17.98 3.77
N GLY A 210 -15.50 19.28 4.14
CA GLY A 210 -16.73 19.95 4.48
C GLY A 210 -17.32 20.60 3.14
N ASN A 211 -16.75 20.36 1.93
CA ASN A 211 -17.21 21.11 0.73
C ASN A 211 -18.63 20.67 0.39
N LYS A 212 -19.36 21.48 -0.40
CA LYS A 212 -20.82 21.24 -0.69
C LYS A 212 -21.20 19.88 -1.34
N TYR A 213 -20.25 19.13 -1.88
CA TYR A 213 -20.45 17.82 -2.47
C TYR A 213 -19.99 16.64 -1.61
N SER A 214 -19.65 16.88 -0.33
CA SER A 214 -19.10 15.81 0.49
C SER A 214 -20.20 15.14 1.28
N ASN A 215 -20.18 13.81 1.27
CA ASN A 215 -21.03 12.95 2.07
C ASN A 215 -20.37 12.41 3.35
N ILE A 216 -19.16 12.90 3.63
CA ILE A 216 -18.43 12.36 4.75
C ILE A 216 -18.05 13.43 5.73
N ASP A 217 -18.46 13.18 6.96
CA ASP A 217 -18.29 14.08 8.08
C ASP A 217 -17.02 13.66 8.95
N LEU A 218 -15.99 14.52 9.04
CA LEU A 218 -14.72 14.24 9.64
C LEU A 218 -14.73 14.68 11.10
N GLY A 219 -15.81 15.37 11.55
CA GLY A 219 -16.02 15.55 12.96
C GLY A 219 -15.69 16.96 13.50
N LEU A 220 -15.40 17.91 12.61
CA LEU A 220 -15.13 19.32 12.96
C LEU A 220 -16.13 20.35 12.33
N THR A 221 -17.31 19.90 11.89
CA THR A 221 -18.31 20.92 11.32
C THR A 221 -18.75 21.91 12.38
N GLN A 222 -18.56 21.59 13.68
CA GLN A 222 -19.05 22.54 14.68
C GLN A 222 -18.12 23.74 14.69
N TRP A 223 -16.94 23.63 14.06
CA TRP A 223 -16.01 24.78 13.92
C TRP A 223 -16.27 25.57 12.66
N GLY A 224 -17.34 25.21 11.89
CA GLY A 224 -17.67 26.03 10.66
C GLY A 224 -17.26 25.29 9.38
N PHE A 225 -16.70 24.07 9.49
CA PHE A 225 -16.23 23.41 8.25
C PHE A 225 -17.37 22.72 7.45
N LYS A 226 -18.38 23.46 7.05
CA LYS A 226 -19.41 22.95 6.13
C LYS A 226 -19.63 24.13 5.16
N GLN A 227 -19.24 23.91 3.91
CA GLN A 227 -19.51 24.91 2.86
C GLN A 227 -21.04 25.05 2.63
N LEU A 228 -21.61 26.26 2.64
CA LEU A 228 -23.07 26.42 2.40
C LEU A 228 -23.44 26.14 0.93
N PRO A 229 -24.72 25.72 0.65
CA PRO A 229 -25.05 25.39 -0.78
C PRO A 229 -24.76 26.53 -1.80
N ASN A 230 -24.92 27.81 -1.40
CA ASN A 230 -24.60 28.88 -2.36
C ASN A 230 -23.27 29.57 -2.26
N GLU A 231 -22.38 29.11 -1.39
CA GLU A 231 -21.14 29.77 -1.09
C GLU A 231 -20.06 29.23 -2.03
N SER A 232 -19.28 30.11 -2.63
CA SER A 232 -18.13 29.63 -3.40
C SER A 232 -17.02 29.08 -2.46
N TYR A 233 -16.17 28.22 -2.99
CA TYR A 233 -15.06 27.67 -2.27
C TYR A 233 -14.13 28.77 -1.74
N ILE A 234 -13.80 29.75 -2.61
CA ILE A 234 -13.09 30.95 -2.18
C ILE A 234 -13.67 31.63 -0.96
N ASP A 235 -14.98 31.87 -0.91
CA ASP A 235 -15.61 32.48 0.28
C ASP A 235 -15.61 31.58 1.55
N TYR A 236 -15.69 30.27 1.32
CA TYR A 236 -15.70 29.27 2.32
C TYR A 236 -14.29 29.28 2.98
N ILE A 237 -13.20 29.25 2.21
CA ILE A 237 -11.82 29.40 2.70
C ILE A 237 -11.71 30.67 3.57
N LYS A 238 -12.21 31.77 3.03
CA LYS A 238 -12.21 33.01 3.78
C LYS A 238 -13.08 32.92 5.09
N ARG A 239 -14.30 32.40 5.06
CA ARG A 239 -15.09 32.37 6.30
C ARG A 239 -14.34 31.53 7.36
N VAL A 240 -13.75 30.43 6.94
CA VAL A 240 -13.43 29.36 7.91
C VAL A 240 -12.00 29.59 8.43
N SER A 241 -11.21 30.44 7.75
CA SER A 241 -9.95 30.90 8.30
C SER A 241 -10.13 31.85 9.51
N LYS A 242 -11.35 32.25 9.83
CA LYS A 242 -11.53 33.06 11.02
C LYS A 242 -11.87 32.15 12.16
N SER A 243 -12.10 30.85 11.90
CA SER A 243 -12.53 29.93 12.98
C SER A 243 -11.44 29.81 14.09
N LYS A 244 -11.84 29.65 15.35
CA LYS A 244 -10.82 29.39 16.45
C LYS A 244 -10.12 28.02 16.33
N ILE A 245 -10.67 27.13 15.49
CA ILE A 245 -10.13 25.78 15.41
C ILE A 245 -8.62 25.87 15.20
N TRP A 246 -8.12 26.85 14.44
CA TRP A 246 -6.72 26.80 13.97
C TRP A 246 -5.71 26.94 15.14
N THR A 247 -6.12 27.59 16.22
CA THR A 247 -5.28 27.78 17.37
C THR A 247 -5.85 27.12 18.63
N SER A 248 -6.93 26.38 18.56
CA SER A 248 -7.51 25.83 19.78
C SER A 248 -6.82 24.53 20.23
N ASP A 249 -6.95 24.29 21.52
CA ASP A 249 -6.77 22.97 22.15
C ASP A 249 -7.98 22.06 22.18
N ASP A 250 -9.20 22.52 21.92
CA ASP A 250 -10.37 21.66 21.94
C ASP A 250 -10.42 20.69 20.77
N ASN A 251 -9.29 20.05 20.50
CA ASN A 251 -9.19 19.04 19.35
C ASN A 251 -8.39 17.76 19.73
N ALA A 252 -8.48 16.71 18.93
CA ALA A 252 -7.86 15.45 19.24
C ALA A 252 -6.31 15.50 19.38
N ALA A 253 -5.67 16.29 18.57
CA ALA A 253 -4.25 16.25 18.41
C ALA A 253 -3.66 16.74 19.75
N TYR A 254 -4.24 17.78 20.34
CA TYR A 254 -3.86 18.25 21.65
C TYR A 254 -4.16 17.18 22.77
N ASP A 255 -5.36 16.61 22.67
CA ASP A 255 -5.80 15.67 23.68
C ASP A 255 -4.93 14.43 23.75
N LEU A 256 -4.21 14.11 22.68
CA LEU A 256 -3.55 12.86 22.69
C LEU A 256 -2.11 13.10 23.19
N THR A 257 -1.73 14.39 23.38
CA THR A 257 -0.42 14.67 23.86
C THR A 257 -0.33 14.23 25.38
N LEU A 258 0.91 14.15 25.90
CA LEU A 258 1.09 13.81 27.35
C LEU A 258 0.37 14.81 28.21
N ASP A 259 0.51 16.13 27.94
CA ASP A 259 -0.26 17.07 28.76
C ASP A 259 -1.72 16.87 28.63
N GLY A 260 -2.16 16.66 27.35
CA GLY A 260 -3.57 16.64 27.11
C GLY A 260 -4.23 15.45 27.77
N SER A 261 -3.53 14.30 27.77
CA SER A 261 -4.12 13.13 28.33
C SER A 261 -4.03 13.21 29.87
N ALA A 262 -3.03 13.95 30.38
CA ALA A 262 -2.88 14.00 31.88
C ALA A 262 -4.00 14.89 32.41
N LYS A 263 -4.38 15.96 31.70
CA LYS A 263 -5.59 16.77 32.11
C LYS A 263 -6.79 15.85 32.28
N LEU A 264 -6.93 14.88 31.37
CA LEU A 264 -8.11 14.04 31.45
C LEU A 264 -7.95 13.09 32.73
N ASN A 265 -6.80 12.45 32.86
CA ASN A 265 -6.49 11.60 34.09
C ASN A 265 -6.84 12.41 35.36
N ASN A 266 -6.41 13.66 35.46
CA ASN A 266 -6.73 14.51 36.62
C ASN A 266 -8.19 14.83 36.82
N MET A 267 -9.05 14.71 35.82
CA MET A 267 -10.43 15.04 36.14
C MET A 267 -11.28 13.76 36.21
N THR A 268 -10.68 12.54 36.05
CA THR A 268 -11.47 11.29 36.17
C THR A 268 -11.21 10.63 37.53
N SER A 269 -12.02 9.66 37.90
CA SER A 269 -12.04 8.96 39.11
C SER A 269 -12.64 7.63 38.79
N MET A 270 -12.47 6.71 39.72
CA MET A 270 -12.96 5.33 39.58
C MET A 270 -14.39 5.26 40.00
N ASN A 271 -15.17 4.50 39.20
CA ASN A 271 -16.53 4.17 39.61
C ASN A 271 -16.48 2.75 40.22
N PRO A 272 -17.00 2.57 41.46
CA PRO A 272 -16.82 1.23 42.07
C PRO A 272 -17.72 0.16 41.46
N ASN A 273 -18.66 0.53 40.60
CA ASN A 273 -19.52 -0.50 39.95
C ASN A 273 -19.05 -0.97 38.61
N ILE A 274 -18.04 -0.32 38.06
CA ILE A 274 -17.65 -0.62 36.70
C ILE A 274 -16.44 -1.53 36.67
N THR A 275 -16.45 -2.47 35.72
CA THR A 275 -15.33 -3.36 35.49
C THR A 275 -14.45 -2.76 34.42
N TYR A 276 -13.22 -2.45 34.83
CA TYR A 276 -12.20 -1.84 34.01
C TYR A 276 -11.16 -2.81 33.62
N THR A 277 -10.79 -2.73 32.35
CA THR A 277 -9.85 -3.68 31.82
C THR A 277 -9.13 -3.10 30.64
N THR A 278 -7.80 -3.36 30.52
CA THR A 278 -6.91 -2.80 29.45
C THR A 278 -6.17 -3.85 28.68
N TYR A 279 -5.97 -3.63 27.36
CA TYR A 279 -5.07 -4.49 26.56
C TYR A 279 -4.02 -3.56 25.96
N THR A 280 -2.85 -4.09 25.64
CA THR A 280 -1.69 -3.31 25.21
C THR A 280 -0.91 -4.26 24.35
N GLY A 281 -0.24 -3.75 23.31
CA GLY A 281 0.61 -4.53 22.46
C GLY A 281 2.00 -3.93 22.42
N VAL A 282 3.02 -4.71 22.00
CA VAL A 282 4.32 -4.10 21.71
C VAL A 282 4.73 -4.60 20.36
N SER A 283 5.48 -3.74 19.66
CA SER A 283 5.88 -4.09 18.35
C SER A 283 7.22 -3.44 18.07
N SER A 284 7.93 -3.23 19.16
CA SER A 284 9.28 -2.67 19.09
C SER A 284 10.16 -3.72 19.76
N HIS A 285 11.47 -3.60 19.56
CA HIS A 285 12.52 -4.54 20.07
C HIS A 285 13.71 -3.63 20.42
N THR A 286 14.53 -4.08 21.36
CA THR A 286 15.60 -3.23 21.88
C THR A 286 16.81 -3.29 20.95
N GLY A 287 17.35 -2.09 20.63
CA GLY A 287 18.56 -1.84 19.77
C GLY A 287 19.80 -1.84 20.68
N PRO A 288 21.03 -1.92 20.12
CA PRO A 288 22.05 -2.29 21.16
C PRO A 288 22.42 -1.13 22.15
N LEU A 289 21.91 0.07 21.83
CA LEU A 289 22.13 1.37 22.52
C LEU A 289 21.05 1.66 23.65
N GLY A 290 20.11 0.75 23.84
CA GLY A 290 18.98 0.98 24.74
C GLY A 290 17.62 1.44 24.11
N TYR A 291 17.67 1.94 22.87
CA TYR A 291 16.48 2.53 22.21
C TYR A 291 15.56 1.47 21.58
N GLU A 292 14.29 1.80 21.33
CA GLU A 292 13.37 0.82 20.69
C GLU A 292 13.13 1.17 19.23
N ASN A 293 13.13 0.15 18.40
CA ASN A 293 12.95 0.29 16.94
C ASN A 293 11.81 -0.67 16.59
N PRO A 294 10.96 -0.33 15.58
CA PRO A 294 9.81 -1.18 15.20
C PRO A 294 10.21 -2.50 14.64
N ASP A 295 9.49 -3.53 15.07
CA ASP A 295 9.58 -4.88 14.46
C ASP A 295 9.18 -4.82 13.00
N LEU A 296 9.78 -5.69 12.18
CA LEU A 296 9.26 -6.04 10.87
C LEU A 296 7.78 -6.37 11.04
N GLY A 297 6.96 -5.82 10.15
CA GLY A 297 5.55 -6.11 10.27
C GLY A 297 4.73 -5.30 11.27
N THR A 298 5.39 -4.27 11.85
CA THR A 298 4.64 -3.12 12.33
C THR A 298 4.01 -2.49 11.06
N PHE A 299 2.71 -2.25 11.09
CA PHE A 299 2.09 -1.54 10.00
C PHE A 299 2.96 -0.35 9.54
N PHE A 300 3.36 -0.33 8.27
CA PHE A 300 4.44 0.58 7.82
C PHE A 300 4.16 2.10 7.98
N LEU A 301 2.91 2.51 7.98
CA LEU A 301 2.59 3.93 8.29
C LEU A 301 3.05 4.34 9.71
N MET A 302 3.47 3.36 10.52
CA MET A 302 3.99 3.70 11.82
C MET A 302 5.53 3.61 12.01
N ASP A 303 6.35 3.28 10.95
CA ASP A 303 7.85 3.22 11.06
C ASP A 303 8.35 4.50 11.74
N THR A 304 7.92 5.70 11.33
CA THR A 304 8.48 6.90 11.89
C THR A 304 7.99 7.23 13.34
N THR A 305 6.68 7.10 13.57
CA THR A 305 6.13 7.40 14.85
C THR A 305 6.78 6.45 15.96
N SER A 306 6.91 5.15 15.65
CA SER A 306 7.58 4.18 16.48
C SER A 306 9.04 4.59 16.85
N ARG A 307 9.82 5.09 15.88
CA ARG A 307 11.13 5.56 16.16
C ARG A 307 11.07 6.77 17.10
N ILE A 308 10.11 7.68 16.88
CA ILE A 308 10.06 8.89 17.72
C ILE A 308 9.88 8.49 19.23
N ILE A 309 8.96 7.57 19.47
CA ILE A 309 8.60 7.11 20.77
C ILE A 309 9.83 6.34 21.31
N GLY A 310 10.45 5.54 20.46
CA GLY A 310 11.41 4.51 20.93
C GLY A 310 12.72 5.17 21.29
N HIS A 311 12.93 6.43 20.88
CA HIS A 311 14.19 7.12 21.11
C HIS A 311 13.97 8.14 22.20
N ASP A 312 12.91 8.02 23.02
CA ASP A 312 12.68 8.99 24.11
C ASP A 312 13.90 8.98 25.16
N ALA A 313 14.30 10.16 25.68
CA ALA A 313 15.27 10.27 26.78
C ALA A 313 14.90 9.28 27.93
N ARG A 314 13.63 9.23 28.40
CA ARG A 314 13.15 8.38 29.51
C ARG A 314 12.89 6.90 29.07
N GLU A 315 13.73 6.00 29.48
CA GLU A 315 13.71 4.60 29.09
C GLU A 315 12.34 3.87 29.17
N GLU A 316 11.58 4.14 30.21
CA GLU A 316 10.32 3.41 30.40
C GLU A 316 9.17 3.98 29.45
N TRP A 317 9.47 5.05 28.70
CA TRP A 317 8.55 5.55 27.66
C TRP A 317 8.85 5.04 26.23
N ARG A 318 9.68 4.01 26.10
CA ARG A 318 10.21 3.66 24.81
C ARG A 318 9.48 2.54 24.12
N LYS A 319 9.17 1.46 24.83
CA LYS A 319 8.55 0.25 24.28
C LYS A 319 7.16 0.74 23.75
N ASN A 320 6.76 0.30 22.56
CA ASN A 320 5.55 0.86 21.92
C ASN A 320 4.90 -0.05 20.91
N ASP A 321 3.72 0.37 20.44
CA ASP A 321 2.94 -0.47 19.53
C ASP A 321 2.96 0.14 18.12
N GLY A 322 3.92 1.05 17.88
CA GLY A 322 3.94 1.79 16.62
C GLY A 322 3.57 3.25 16.86
N VAL A 323 2.64 3.47 17.77
CA VAL A 323 2.18 4.82 17.94
C VAL A 323 1.68 5.16 19.38
N VAL A 324 1.44 4.12 20.18
CA VAL A 324 1.33 4.33 21.63
C VAL A 324 2.35 3.58 22.52
N PRO A 325 3.06 4.33 23.43
CA PRO A 325 4.04 3.61 24.32
C PRO A 325 3.32 2.73 25.29
N VAL A 326 3.87 1.52 25.51
CA VAL A 326 3.33 0.57 26.53
C VAL A 326 2.85 1.26 27.83
N ILE A 327 3.66 2.14 28.40
CA ILE A 327 3.42 2.83 29.70
C ILE A 327 2.13 3.64 29.56
N SER A 328 1.77 4.06 28.33
CA SER A 328 0.59 4.90 28.20
C SER A 328 -0.65 4.02 28.14
N SER A 329 -0.50 2.86 27.52
CA SER A 329 -1.63 1.96 27.35
C SER A 329 -2.05 1.09 28.62
N LEU A 330 -1.11 0.76 29.54
CA LEU A 330 -1.41 -0.23 30.59
C LEU A 330 -2.55 0.28 31.46
N HIS A 331 -2.50 1.59 31.79
CA HIS A 331 -3.54 2.15 32.64
C HIS A 331 -3.25 3.63 32.86
N PRO A 332 -4.31 4.44 33.19
CA PRO A 332 -4.03 5.85 33.51
C PRO A 332 -3.00 5.92 34.68
N SER A 333 -1.93 6.72 34.60
CA SER A 333 -1.07 6.80 35.78
C SER A 333 -1.68 7.32 37.09
N ASN A 334 -1.27 6.72 38.18
CA ASN A 334 -1.88 7.05 39.46
C ASN A 334 -3.43 6.78 39.54
N GLN A 335 -3.90 5.83 38.75
CA GLN A 335 -5.22 5.30 39.03
C GLN A 335 -4.98 3.82 39.49
N PRO A 336 -5.76 3.34 40.47
CA PRO A 336 -5.45 1.98 40.95
C PRO A 336 -5.60 0.95 39.81
N PHE A 337 -4.77 -0.10 39.84
CA PHE A 337 -4.71 -1.14 38.83
C PHE A 337 -4.20 -2.47 39.45
N VAL A 338 -4.45 -3.60 38.81
CA VAL A 338 -3.85 -4.89 39.16
C VAL A 338 -3.50 -5.64 37.87
N ASN A 339 -2.25 -6.10 37.70
CA ASN A 339 -1.88 -7.03 36.65
C ASN A 339 -2.63 -8.33 36.83
N VAL A 340 -3.25 -8.76 35.77
CA VAL A 340 -4.16 -9.88 35.77
C VAL A 340 -3.59 -10.79 34.70
N THR A 341 -4.00 -12.02 34.76
CA THR A 341 -3.52 -13.01 33.83
C THR A 341 -4.56 -13.21 32.73
N ASN A 342 -4.22 -13.88 31.63
CA ASN A 342 -5.28 -14.30 30.69
C ASN A 342 -6.29 -15.37 31.10
N ASN A 343 -5.94 -16.20 32.06
CA ASN A 343 -6.78 -17.30 32.56
C ASN A 343 -7.85 -16.82 33.50
N GLU A 344 -7.44 -16.15 34.57
CA GLU A 344 -8.35 -15.85 35.64
C GLU A 344 -9.56 -14.98 35.22
N PRO A 345 -10.70 -15.10 35.92
CA PRO A 345 -11.82 -14.19 35.59
C PRO A 345 -11.35 -12.71 35.76
N ALA A 346 -11.90 -11.79 34.96
CA ALA A 346 -11.47 -10.40 35.05
C ALA A 346 -12.67 -9.60 35.54
N THR A 347 -12.97 -9.80 36.80
CA THR A 347 -14.28 -9.60 37.33
C THR A 347 -14.28 -8.58 38.46
N ARG A 348 -13.11 -8.04 38.77
CA ARG A 348 -13.01 -7.05 39.83
C ARG A 348 -13.57 -5.69 39.33
N ARG A 349 -14.25 -5.02 40.25
CA ARG A 349 -14.86 -3.72 40.03
C ARG A 349 -13.97 -2.59 40.57
N GLY A 350 -13.95 -1.43 39.93
CA GLY A 350 -13.34 -0.27 40.52
C GLY A 350 -11.84 -0.23 40.34
N ILE A 351 -11.25 -1.05 39.48
CA ILE A 351 -9.78 -1.11 39.43
C ILE A 351 -9.31 -1.54 38.04
N TRP A 352 -8.32 -0.85 37.47
CA TRP A 352 -7.93 -1.20 36.14
C TRP A 352 -7.26 -2.59 36.16
N GLN A 353 -7.88 -3.57 35.51
CA GLN A 353 -7.34 -4.90 35.28
C GLN A 353 -6.39 -4.90 34.09
N VAL A 354 -5.06 -4.92 34.30
CA VAL A 354 -4.15 -4.91 33.15
C VAL A 354 -3.77 -6.26 32.60
N LYS A 355 -4.20 -6.49 31.34
CA LYS A 355 -4.07 -7.79 30.70
C LYS A 355 -2.62 -8.01 30.26
N PRO A 356 -2.06 -9.24 30.21
CA PRO A 356 -0.66 -9.27 29.71
C PRO A 356 -0.48 -8.69 28.30
N ILE A 357 0.53 -7.84 28.17
CA ILE A 357 1.00 -7.31 26.92
C ILE A 357 0.92 -8.31 25.73
N LEU A 358 0.24 -7.95 24.65
CA LEU A 358 0.19 -8.80 23.47
C LEU A 358 1.47 -8.60 22.63
N GLN A 359 2.33 -9.62 22.58
CA GLN A 359 3.68 -9.55 21.98
C GLN A 359 3.53 -9.57 20.51
N GLY A 360 4.14 -8.63 19.79
CA GLY A 360 4.09 -8.57 18.34
C GLY A 360 2.85 -7.84 17.76
N TRP A 361 1.89 -7.42 18.60
CA TRP A 361 0.69 -6.74 18.14
C TRP A 361 1.00 -5.22 18.05
N ASP A 362 0.96 -4.59 16.83
CA ASP A 362 1.09 -3.17 16.72
C ASP A 362 -0.31 -2.61 17.00
N HIS A 363 -0.36 -1.28 17.07
CA HIS A 363 -1.60 -0.55 17.35
C HIS A 363 -2.84 -1.00 16.56
N VAL A 364 -2.60 -1.31 15.28
CA VAL A 364 -3.68 -1.54 14.34
C VAL A 364 -3.91 -3.07 14.22
N ASP A 365 -2.99 -3.90 14.76
CA ASP A 365 -3.29 -5.36 14.82
C ASP A 365 -4.51 -5.61 15.65
N PHE A 366 -4.80 -4.71 16.58
CA PHE A 366 -5.94 -4.86 17.46
C PHE A 366 -7.27 -4.74 16.74
N ILE A 367 -7.30 -4.05 15.59
CA ILE A 367 -8.55 -3.83 14.87
C ILE A 367 -8.50 -4.51 13.51
N GLY A 368 -7.42 -5.26 13.27
CA GLY A 368 -7.35 -6.10 12.09
C GLY A 368 -7.08 -5.43 10.75
N VAL A 369 -6.73 -4.15 10.70
CA VAL A 369 -6.60 -3.51 9.42
C VAL A 369 -5.19 -3.61 8.86
N ASP A 370 -4.18 -4.17 9.57
CA ASP A 370 -2.86 -4.42 8.94
C ASP A 370 -2.94 -5.59 7.98
N PHE A 371 -3.41 -5.35 6.74
CA PHE A 371 -3.57 -6.43 5.72
C PHE A 371 -2.19 -6.97 5.30
N LEU A 372 -1.12 -6.14 5.38
CA LEU A 372 0.29 -6.58 5.14
C LEU A 372 0.88 -7.65 6.10
N ASP A 373 0.26 -7.97 7.24
CA ASP A 373 0.95 -8.74 8.29
C ASP A 373 0.32 -10.12 8.46
N PHE A 374 0.95 -11.12 7.84
CA PHE A 374 0.35 -12.48 7.78
C PHE A 374 0.43 -13.28 9.07
N LYS A 375 1.23 -12.84 10.04
CA LYS A 375 1.31 -13.48 11.41
C LYS A 375 0.01 -13.28 12.22
N ARG A 376 -0.63 -12.14 12.01
CA ARG A 376 -1.86 -11.81 12.75
C ARG A 376 -3.04 -12.31 11.90
N LYS A 377 -3.58 -13.46 12.28
CA LYS A 377 -4.52 -14.21 11.48
C LYS A 377 -5.95 -13.88 11.93
N GLY A 378 -6.91 -13.99 11.00
CA GLY A 378 -8.33 -13.80 11.36
C GLY A 378 -8.85 -14.68 12.51
N SER A 379 -8.51 -15.99 12.50
CA SER A 379 -8.81 -16.95 13.62
C SER A 379 -8.31 -16.40 14.99
N GLU A 380 -7.14 -15.76 14.98
CA GLU A 380 -6.62 -15.17 16.18
C GLU A 380 -7.48 -13.93 16.67
N LEU A 381 -7.85 -13.06 15.74
CA LEU A 381 -8.51 -11.84 16.10
C LEU A 381 -9.91 -12.20 16.60
N ALA A 382 -10.51 -13.21 15.96
CA ALA A 382 -11.80 -13.77 16.38
C ALA A 382 -11.69 -14.25 17.84
N ASN A 383 -10.65 -15.05 18.16
CA ASN A 383 -10.45 -15.50 19.58
C ASN A 383 -10.31 -14.27 20.47
N PHE A 384 -9.54 -13.29 19.99
CA PHE A 384 -9.38 -12.11 20.82
C PHE A 384 -10.72 -11.44 21.20
N TYR A 385 -11.57 -11.17 20.19
CA TYR A 385 -12.84 -10.51 20.47
C TYR A 385 -13.85 -11.35 21.24
N ILE A 386 -13.94 -12.65 20.90
CA ILE A 386 -14.74 -13.55 21.73
C ILE A 386 -14.24 -13.56 23.19
N GLY A 387 -12.90 -13.46 23.41
CA GLY A 387 -12.36 -13.39 24.81
C GLY A 387 -12.93 -12.14 25.52
N ILE A 388 -12.95 -10.98 24.82
CA ILE A 388 -13.54 -9.82 25.44
C ILE A 388 -15.03 -10.07 25.82
N ILE A 389 -15.76 -10.61 24.85
CA ILE A 389 -17.17 -10.85 25.00
C ILE A 389 -17.38 -11.80 26.18
N ASN A 390 -16.64 -12.90 26.26
CA ASN A 390 -16.71 -13.77 27.48
C ASN A 390 -16.50 -13.07 28.82
N ASP A 391 -15.51 -12.17 28.85
CA ASP A 391 -15.32 -11.33 30.00
C ASP A 391 -16.55 -10.50 30.29
N LEU A 392 -17.12 -9.90 29.24
CA LEU A 392 -18.30 -9.08 29.43
C LEU A 392 -19.46 -9.92 29.96
N LEU A 393 -19.62 -11.14 29.44
CA LEU A 393 -20.63 -12.08 29.98
C LEU A 393 -20.42 -12.45 31.49
N SER A 394 -19.16 -12.67 31.89
CA SER A 394 -18.74 -12.76 33.33
C SER A 394 -19.15 -11.57 34.16
N VAL A 395 -18.99 -10.37 33.61
CA VAL A 395 -19.35 -9.18 34.36
C VAL A 395 -20.85 -9.21 34.70
N GLU A 396 -21.65 -9.63 33.73
CA GLU A 396 -23.11 -9.76 33.85
C GLU A 396 -23.49 -10.86 34.82
N ALA A 397 -22.78 -11.99 34.75
CA ALA A 397 -23.09 -13.19 35.56
C ALA A 397 -22.83 -12.97 37.08
N THR A 398 -21.84 -12.12 37.39
CA THR A 398 -21.34 -11.85 38.75
C THR A 398 -21.77 -10.47 39.27
N GLU A 399 -22.85 -9.94 38.70
CA GLU A 399 -23.48 -8.78 39.26
C GLU A 399 -24.37 -9.21 40.44
N GLN B 18 36.66 8.42 -23.04
CA GLN B 18 36.11 9.19 -21.88
C GLN B 18 35.24 8.40 -20.84
N PRO B 19 34.08 7.79 -21.23
CA PRO B 19 33.44 6.85 -20.26
C PRO B 19 34.23 5.53 -20.00
N LEU B 20 34.18 5.02 -18.77
CA LEU B 20 34.88 3.77 -18.43
C LEU B 20 34.49 2.53 -19.28
N ASN B 21 33.21 2.43 -19.70
CA ASN B 21 32.78 1.37 -20.64
C ASN B 21 32.85 1.91 -22.05
N LYS B 22 33.47 1.11 -22.91
CA LYS B 22 33.64 1.38 -24.35
C LYS B 22 32.30 1.28 -25.10
N TYR B 23 31.44 0.33 -24.71
CA TYR B 23 30.16 0.11 -25.32
C TYR B 23 29.09 0.60 -24.37
N PRO B 24 28.09 1.36 -24.89
CA PRO B 24 27.04 1.88 -24.01
C PRO B 24 26.19 0.76 -23.45
N VAL B 25 25.74 0.98 -22.22
CA VAL B 25 24.92 -0.03 -21.57
C VAL B 25 23.46 0.42 -21.64
N VAL B 26 22.60 -0.43 -22.21
CA VAL B 26 21.17 -0.11 -22.32
C VAL B 26 20.32 -1.04 -21.48
N PHE B 27 19.57 -0.45 -20.57
CA PHE B 27 18.70 -1.20 -19.70
C PHE B 27 17.28 -1.19 -20.23
N VAL B 28 16.69 -2.39 -20.27
CA VAL B 28 15.38 -2.52 -20.93
C VAL B 28 14.31 -3.01 -19.95
N HIS B 29 13.28 -2.16 -19.68
CA HIS B 29 12.29 -2.49 -18.65
C HIS B 29 11.39 -3.63 -19.14
N GLY B 30 10.58 -4.21 -18.24
CA GLY B 30 9.64 -5.32 -18.65
C GLY B 30 8.20 -4.83 -18.84
N PHE B 31 7.23 -5.72 -18.62
CA PHE B 31 5.81 -5.49 -18.83
C PHE B 31 5.32 -4.57 -17.76
N LEU B 32 4.46 -3.59 -18.14
CA LEU B 32 3.98 -2.51 -17.25
C LEU B 32 5.05 -1.48 -16.96
N GLY B 33 6.28 -1.60 -17.43
CA GLY B 33 7.26 -0.58 -17.07
C GLY B 33 7.13 0.75 -17.84
N LEU B 34 7.15 1.88 -17.13
CA LEU B 34 7.20 3.19 -17.68
C LEU B 34 8.41 3.93 -17.15
N VAL B 35 9.12 4.66 -17.99
CA VAL B 35 10.34 5.34 -17.47
C VAL B 35 10.43 6.78 -17.92
N GLY B 36 11.27 7.52 -17.22
CA GLY B 36 11.55 8.91 -17.51
C GLY B 36 10.33 9.79 -17.56
N ASP B 37 10.28 10.55 -18.64
CA ASP B 37 9.25 11.57 -18.95
C ASP B 37 7.87 11.00 -19.04
N ASN B 38 7.80 9.80 -19.64
CA ASN B 38 6.67 8.91 -19.74
C ASN B 38 6.13 8.27 -18.46
N ALA B 39 6.72 8.54 -17.33
CA ALA B 39 6.15 7.90 -16.12
C ALA B 39 5.05 8.79 -15.64
N PRO B 40 3.96 8.22 -15.17
CA PRO B 40 2.91 9.01 -14.51
C PRO B 40 3.42 9.91 -13.39
N ALA B 41 2.59 10.91 -13.05
CA ALA B 41 2.83 11.90 -11.98
C ALA B 41 3.44 11.33 -10.63
N LEU B 42 2.81 10.31 -10.02
CA LEU B 42 3.34 9.46 -8.91
C LEU B 42 3.46 8.00 -9.37
N TYR B 43 4.69 7.46 -9.39
CA TYR B 43 4.97 6.15 -10.02
C TYR B 43 6.44 5.88 -9.71
N PRO B 44 6.77 4.63 -9.37
CA PRO B 44 8.17 4.35 -8.87
C PRO B 44 9.18 4.66 -9.96
N ASN B 45 10.41 4.99 -9.59
CA ASN B 45 11.54 5.08 -10.51
C ASN B 45 11.92 3.63 -10.82
N TYR B 46 11.69 3.21 -12.04
CA TYR B 46 11.78 1.79 -12.38
C TYR B 46 13.17 1.22 -12.02
N TRP B 47 14.25 1.90 -12.40
CA TRP B 47 15.60 1.27 -12.30
C TRP B 47 16.20 1.69 -10.99
N GLY B 48 15.74 1.00 -9.92
CA GLY B 48 16.32 1.08 -8.63
C GLY B 48 15.51 1.76 -7.58
N GLY B 49 14.28 2.22 -7.92
CA GLY B 49 13.37 2.72 -6.88
C GLY B 49 14.00 3.91 -6.21
N ASN B 50 13.82 4.03 -4.90
CA ASN B 50 14.54 4.99 -4.06
C ASN B 50 15.76 4.34 -3.30
N LYS B 51 16.04 3.09 -3.62
CA LYS B 51 17.09 2.28 -3.06
C LYS B 51 18.46 2.58 -3.71
N PHE B 52 18.58 2.44 -5.01
CA PHE B 52 19.82 2.80 -5.70
C PHE B 52 19.45 3.26 -7.13
N LYS B 53 19.64 4.55 -7.40
CA LYS B 53 19.19 5.11 -8.65
C LYS B 53 20.08 4.68 -9.81
N VAL B 54 19.81 3.52 -10.41
CA VAL B 54 20.73 2.94 -11.39
C VAL B 54 21.38 3.92 -12.36
N ILE B 55 20.56 4.63 -13.12
CA ILE B 55 21.06 5.46 -14.20
C ILE B 55 21.92 6.61 -13.66
N GLU B 56 21.40 7.30 -12.69
CA GLU B 56 22.04 8.49 -12.20
C GLU B 56 23.36 8.15 -11.48
N GLU B 57 23.35 7.10 -10.67
CA GLU B 57 24.53 6.65 -9.92
C GLU B 57 25.60 6.05 -10.81
N LEU B 58 25.22 5.19 -11.78
CA LEU B 58 26.23 4.60 -12.64
C LEU B 58 26.91 5.68 -13.48
N ARG B 59 26.16 6.75 -13.75
CA ARG B 59 26.66 7.85 -14.54
C ARG B 59 27.66 8.62 -13.74
N LYS B 60 27.29 8.87 -12.48
CA LYS B 60 28.12 9.52 -11.50
C LYS B 60 29.42 8.75 -11.37
N GLN B 61 29.42 7.43 -11.49
CA GLN B 61 30.67 6.68 -11.34
C GLN B 61 31.44 6.57 -12.62
N GLY B 62 31.06 7.36 -13.65
CA GLY B 62 31.73 7.39 -14.97
C GLY B 62 31.36 6.35 -16.03
N TYR B 63 30.23 5.66 -15.89
CA TYR B 63 29.72 4.77 -16.97
C TYR B 63 28.66 5.41 -17.87
N ASN B 64 28.63 4.98 -19.12
CA ASN B 64 27.62 5.43 -20.09
C ASN B 64 26.49 4.37 -20.14
N VAL B 65 25.41 4.72 -19.46
CA VAL B 65 24.22 3.91 -19.33
C VAL B 65 22.96 4.71 -19.78
N HIS B 66 21.94 3.93 -20.20
CA HIS B 66 20.67 4.45 -20.67
C HIS B 66 19.53 3.51 -20.31
N GLN B 67 18.36 4.08 -20.04
CA GLN B 67 17.13 3.25 -19.92
C GLN B 67 16.23 3.40 -21.15
N ALA B 68 16.09 2.33 -21.90
CA ALA B 68 15.20 2.30 -23.05
C ALA B 68 13.76 2.57 -22.60
N SER B 69 13.01 3.21 -23.47
CA SER B 69 11.58 3.43 -23.23
C SER B 69 10.84 2.67 -24.33
N VAL B 70 10.26 1.54 -24.04
CA VAL B 70 9.49 0.85 -25.08
C VAL B 70 8.10 0.48 -24.57
N SER B 71 7.29 -0.15 -25.41
CA SER B 71 5.84 -0.27 -25.16
C SER B 71 5.67 -1.08 -23.84
N ALA B 72 4.82 -0.61 -22.95
CA ALA B 72 4.63 -1.35 -21.70
C ALA B 72 3.69 -2.55 -21.82
N PHE B 73 2.78 -2.54 -22.82
CA PHE B 73 1.77 -3.60 -22.89
C PHE B 73 1.86 -4.39 -24.18
N GLY B 74 2.71 -3.91 -25.09
CA GLY B 74 2.85 -4.51 -26.43
C GLY B 74 3.57 -5.84 -26.45
N SER B 75 3.51 -6.51 -27.58
CA SER B 75 4.20 -7.77 -27.82
C SER B 75 5.76 -7.64 -27.75
N ASN B 76 6.46 -8.78 -27.58
CA ASN B 76 7.91 -8.77 -27.79
C ASN B 76 8.26 -8.23 -29.17
N TYR B 77 7.53 -8.69 -30.19
CA TYR B 77 7.84 -8.17 -31.53
C TYR B 77 7.78 -6.62 -31.50
N ASP B 78 6.65 -6.07 -31.05
CA ASP B 78 6.49 -4.64 -31.17
C ASP B 78 7.60 -3.95 -30.40
N ARG B 79 7.83 -4.44 -29.16
CA ARG B 79 8.83 -3.89 -28.27
C ARG B 79 10.22 -4.00 -28.87
N ALA B 80 10.54 -5.12 -29.52
CA ALA B 80 11.90 -5.26 -30.13
C ALA B 80 12.13 -4.23 -31.24
N VAL B 81 11.05 -3.96 -32.01
CA VAL B 81 11.23 -3.01 -33.10
C VAL B 81 11.47 -1.69 -32.44
N GLN B 82 10.64 -1.42 -31.43
CA GLN B 82 10.75 -0.17 -30.73
C GLN B 82 12.16 0.05 -30.11
N LEU B 83 12.76 -1.02 -29.57
CA LEU B 83 14.10 -0.97 -28.94
C LEU B 83 15.13 -0.56 -30.00
N TYR B 84 15.02 -1.25 -31.16
CA TYR B 84 15.87 -0.90 -32.26
C TYR B 84 15.83 0.61 -32.57
N TYR B 85 14.64 1.20 -32.62
CA TYR B 85 14.58 2.63 -32.96
C TYR B 85 15.05 3.52 -31.80
N TYR B 86 14.81 3.09 -30.56
CA TYR B 86 15.29 3.86 -29.40
C TYR B 86 16.83 4.03 -29.45
N ILE B 87 17.52 2.98 -29.91
CA ILE B 87 18.95 3.04 -29.97
C ILE B 87 19.37 3.79 -31.24
N LYS B 88 18.87 3.31 -32.38
CA LYS B 88 19.29 3.81 -33.67
C LYS B 88 18.80 5.24 -33.96
N GLY B 89 17.62 5.61 -33.47
CA GLY B 89 16.93 6.84 -33.90
C GLY B 89 16.08 6.51 -35.13
N GLY B 90 14.97 7.22 -35.33
CA GLY B 90 14.11 7.02 -36.49
C GLY B 90 12.66 6.79 -36.11
N ARG B 91 11.86 6.58 -37.16
CA ARG B 91 10.43 6.33 -37.07
C ARG B 91 10.22 4.85 -36.96
N VAL B 92 9.55 4.42 -35.91
CA VAL B 92 9.25 3.02 -35.72
C VAL B 92 8.52 2.43 -36.93
N ASP B 93 9.07 1.38 -37.53
CA ASP B 93 8.45 0.61 -38.61
C ASP B 93 8.26 -0.86 -38.12
N TYR B 94 7.04 -1.29 -37.78
CA TYR B 94 6.75 -2.70 -37.44
C TYR B 94 6.86 -3.68 -38.55
N GLY B 95 7.04 -3.21 -39.80
CA GLY B 95 7.00 -4.08 -40.97
C GLY B 95 5.60 -4.18 -41.55
N ALA B 96 5.52 -4.06 -42.88
CA ALA B 96 4.25 -4.07 -43.59
C ALA B 96 3.49 -5.43 -43.48
N ALA B 97 4.21 -6.54 -43.66
CA ALA B 97 3.61 -7.91 -43.47
C ALA B 97 3.02 -8.07 -42.06
N HIS B 98 3.77 -7.61 -41.04
CA HIS B 98 3.37 -7.76 -39.61
C HIS B 98 2.13 -6.88 -39.37
N ALA B 99 2.23 -5.58 -39.73
CA ALA B 99 1.07 -4.67 -39.54
C ALA B 99 -0.20 -5.25 -40.21
N ALA B 100 -0.01 -5.88 -41.38
CA ALA B 100 -1.19 -6.30 -42.17
C ALA B 100 -1.70 -7.60 -41.59
N LYS B 101 -0.81 -8.48 -41.12
CA LYS B 101 -1.28 -9.74 -40.51
C LYS B 101 -1.97 -9.48 -39.15
N TYR B 102 -1.48 -8.54 -38.33
CA TYR B 102 -2.11 -8.40 -37.00
C TYR B 102 -3.23 -7.39 -36.91
N GLY B 103 -3.27 -6.47 -37.88
CA GLY B 103 -4.26 -5.41 -37.95
C GLY B 103 -3.91 -4.19 -37.15
N HIS B 104 -2.67 -3.72 -37.21
CA HIS B 104 -2.36 -2.44 -36.55
C HIS B 104 -1.51 -1.53 -37.44
N GLU B 105 -1.27 -0.31 -37.00
CA GLU B 105 -0.48 0.62 -37.82
C GLU B 105 0.88 0.00 -38.02
N ARG B 106 1.34 0.13 -39.24
CA ARG B 106 2.72 -0.10 -39.64
C ARG B 106 3.71 0.82 -38.92
N TYR B 107 3.42 2.11 -38.83
CA TYR B 107 4.40 3.05 -38.27
C TYR B 107 3.98 3.56 -36.91
N GLY B 108 4.95 3.95 -36.09
CA GLY B 108 4.65 4.50 -34.76
C GLY B 108 5.47 5.75 -34.44
N LYS B 109 5.85 5.80 -33.15
CA LYS B 109 6.52 6.91 -32.47
C LYS B 109 7.78 7.19 -33.23
N THR B 110 8.29 8.40 -33.12
CA THR B 110 9.60 8.56 -33.70
C THR B 110 10.76 8.90 -32.68
N TYR B 111 11.87 8.18 -32.69
CA TYR B 111 12.85 8.34 -31.57
C TYR B 111 14.04 9.20 -31.95
N LYS B 112 14.51 10.04 -31.04
CA LYS B 112 15.68 10.83 -31.39
C LYS B 112 16.92 9.95 -31.60
N GLY B 113 17.02 8.80 -30.95
CA GLY B 113 18.19 7.94 -31.10
C GLY B 113 19.26 8.19 -30.04
N ILE B 114 19.80 7.13 -29.47
CA ILE B 114 20.79 7.26 -28.41
C ILE B 114 22.20 7.08 -28.98
N MET B 115 22.32 6.18 -29.95
CA MET B 115 23.58 6.04 -30.74
C MET B 115 23.21 6.10 -32.22
N PRO B 116 23.13 7.32 -32.78
CA PRO B 116 22.65 7.44 -34.19
C PRO B 116 23.57 6.72 -35.21
N ASN B 117 24.80 6.45 -34.78
CA ASN B 117 25.75 5.78 -35.62
C ASN B 117 26.00 4.32 -35.33
N TRP B 118 25.01 3.65 -34.74
CA TRP B 118 25.08 2.22 -34.37
C TRP B 118 25.15 1.37 -35.63
N GLU B 119 26.24 0.62 -35.78
CA GLU B 119 26.53 -0.25 -36.97
C GLU B 119 27.47 -1.41 -36.58
N PRO B 120 27.57 -2.51 -37.41
CA PRO B 120 28.53 -3.58 -37.10
C PRO B 120 29.87 -2.99 -36.72
N GLY B 121 30.33 -3.27 -35.49
CA GLY B 121 31.61 -2.72 -35.03
C GLY B 121 31.44 -1.91 -33.77
N LYS B 122 30.28 -1.25 -33.64
CA LYS B 122 30.01 -0.36 -32.52
C LYS B 122 28.93 -0.99 -31.69
N LYS B 123 29.38 -1.70 -30.66
CA LYS B 123 28.46 -2.54 -29.96
C LYS B 123 27.77 -1.81 -28.84
N VAL B 124 26.73 -2.46 -28.37
CA VAL B 124 26.00 -2.00 -27.22
C VAL B 124 25.88 -3.20 -26.29
N HIS B 125 25.83 -2.97 -24.96
CA HIS B 125 25.52 -4.07 -23.94
C HIS B 125 24.02 -4.01 -23.62
N LEU B 126 23.34 -5.15 -23.59
CA LEU B 126 21.91 -5.10 -23.28
C LEU B 126 21.51 -5.80 -22.03
N VAL B 127 20.89 -5.07 -21.11
CA VAL B 127 20.37 -5.69 -19.92
C VAL B 127 18.87 -5.51 -19.73
N GLY B 128 18.16 -6.62 -19.49
CA GLY B 128 16.71 -6.57 -19.45
C GLY B 128 16.15 -7.21 -18.21
N HIS B 129 15.18 -6.55 -17.59
CA HIS B 129 14.43 -7.09 -16.49
C HIS B 129 13.10 -7.61 -16.96
N SER B 130 12.76 -8.75 -16.42
CA SER B 130 11.49 -9.41 -16.71
C SER B 130 11.35 -9.58 -18.24
N MET B 131 10.30 -9.06 -18.84
CA MET B 131 10.11 -9.14 -20.31
C MET B 131 11.23 -8.44 -21.10
N GLY B 132 11.90 -7.42 -20.50
CA GLY B 132 13.03 -6.74 -21.17
C GLY B 132 13.96 -7.80 -21.76
N GLY B 133 14.21 -8.89 -21.01
CA GLY B 133 15.20 -9.88 -21.40
C GLY B 133 14.75 -10.61 -22.66
N GLN B 134 13.43 -10.80 -22.84
CA GLN B 134 12.93 -11.48 -24.03
C GLN B 134 13.02 -10.55 -25.25
N THR B 135 12.63 -9.30 -25.03
CA THR B 135 12.67 -8.25 -26.05
C THR B 135 14.06 -8.13 -26.64
N ILE B 136 15.04 -8.21 -25.76
CA ILE B 136 16.41 -8.06 -26.18
C ILE B 136 16.82 -9.21 -27.07
N ARG B 137 16.44 -10.44 -26.69
CA ARG B 137 16.76 -11.60 -27.52
C ARG B 137 16.12 -11.45 -28.91
N LEU B 138 14.88 -10.96 -28.96
CA LEU B 138 14.21 -10.87 -30.27
C LEU B 138 14.87 -9.84 -31.14
N MET B 139 15.19 -8.65 -30.58
CA MET B 139 15.83 -7.64 -31.38
C MET B 139 17.11 -8.17 -32.02
N GLU B 140 17.95 -8.83 -31.22
CA GLU B 140 19.19 -9.41 -31.77
C GLU B 140 18.89 -10.50 -32.84
N GLU B 141 17.89 -11.36 -32.65
CA GLU B 141 17.52 -12.26 -33.75
C GLU B 141 17.22 -11.51 -35.05
N PHE B 142 16.50 -10.37 -34.98
CA PHE B 142 16.21 -9.60 -36.18
C PHE B 142 17.48 -9.01 -36.79
N LEU B 143 18.33 -8.40 -35.97
CA LEU B 143 19.61 -7.91 -36.48
C LEU B 143 20.42 -8.97 -37.19
N ARG B 144 20.49 -10.17 -36.63
CA ARG B 144 21.37 -11.22 -37.19
C ARG B 144 20.81 -12.01 -38.41
N ASN B 145 19.54 -12.38 -38.36
CA ASN B 145 18.97 -13.32 -39.28
C ASN B 145 17.79 -12.66 -40.01
N GLY B 146 17.43 -11.40 -39.71
CA GLY B 146 16.26 -10.72 -40.28
C GLY B 146 14.90 -11.36 -39.93
N ASN B 147 13.83 -10.86 -40.54
CA ASN B 147 12.45 -11.37 -40.36
C ASN B 147 12.05 -11.89 -41.73
N LYS B 148 11.95 -13.23 -41.89
CA LYS B 148 11.75 -13.75 -43.26
C LYS B 148 10.43 -13.30 -43.89
N GLU B 149 9.35 -13.22 -43.08
CA GLU B 149 8.08 -12.68 -43.54
C GLU B 149 8.21 -11.32 -44.20
N GLU B 150 8.87 -10.37 -43.54
CA GLU B 150 9.10 -9.04 -44.15
C GLU B 150 10.00 -9.06 -45.37
N ILE B 151 10.95 -10.01 -45.42
CA ILE B 151 11.78 -10.12 -46.60
C ILE B 151 10.90 -10.50 -47.83
N ALA B 152 10.02 -11.50 -47.67
CA ALA B 152 9.18 -12.02 -48.74
C ALA B 152 8.05 -11.01 -49.09
N TYR B 153 7.63 -10.17 -48.14
CA TYR B 153 6.71 -9.05 -48.42
C TYR B 153 7.47 -8.04 -49.27
N HIS B 154 8.69 -7.69 -48.88
CA HIS B 154 9.54 -6.78 -49.63
C HIS B 154 9.93 -7.36 -51.05
N GLN B 155 10.14 -8.70 -51.16
CA GLN B 155 10.28 -9.41 -52.48
C GLN B 155 9.10 -9.11 -53.39
N ALA B 156 7.90 -9.28 -52.85
CA ALA B 156 6.67 -9.22 -53.60
C ALA B 156 6.23 -7.77 -53.98
N HIS B 157 6.16 -6.82 -53.05
CA HIS B 157 5.43 -5.56 -53.35
C HIS B 157 6.34 -4.29 -53.56
N GLY B 158 7.69 -4.40 -53.59
CA GLY B 158 8.57 -3.17 -53.50
C GLY B 158 8.47 -2.32 -52.18
N GLY B 159 8.68 -0.97 -52.31
CA GLY B 159 8.67 0.00 -51.19
C GLY B 159 9.89 -0.20 -50.31
N GLU B 160 9.75 0.11 -49.01
CA GLU B 160 10.89 0.02 -48.11
C GLU B 160 10.81 -1.10 -47.06
N ILE B 161 11.99 -1.59 -46.71
CA ILE B 161 12.16 -2.54 -45.62
C ILE B 161 13.07 -1.86 -44.58
N SER B 162 12.68 -1.89 -43.30
CA SER B 162 13.60 -1.46 -42.22
C SER B 162 14.94 -2.29 -42.20
N PRO B 163 16.10 -1.63 -42.02
CA PRO B 163 17.32 -2.45 -41.84
C PRO B 163 17.23 -3.54 -40.70
N LEU B 164 16.29 -3.36 -39.79
CA LEU B 164 16.12 -4.28 -38.69
C LEU B 164 15.67 -5.60 -39.23
N PHE B 165 15.09 -5.61 -40.43
CA PHE B 165 14.51 -6.88 -40.91
C PHE B 165 15.32 -7.55 -42.01
N THR B 166 16.30 -6.80 -42.51
CA THR B 166 17.21 -7.16 -43.62
C THR B 166 17.99 -8.44 -43.34
N GLY B 167 18.57 -8.58 -42.12
CA GLY B 167 19.51 -9.67 -41.85
C GLY B 167 20.99 -9.31 -42.07
N GLY B 168 21.88 -10.22 -41.65
CA GLY B 168 23.33 -10.07 -41.72
C GLY B 168 23.97 -8.88 -40.99
N HIS B 169 23.28 -8.30 -39.98
CA HIS B 169 23.88 -7.30 -39.06
C HIS B 169 24.50 -8.06 -37.87
N ASN B 170 25.84 -8.13 -37.81
CA ASN B 170 26.51 -8.86 -36.74
C ASN B 170 27.33 -7.90 -35.93
N ASN B 171 27.83 -8.35 -34.76
CA ASN B 171 28.85 -7.57 -34.11
C ASN B 171 28.22 -6.17 -33.72
N MET B 172 26.97 -6.20 -33.23
CA MET B 172 26.29 -4.95 -32.82
C MET B 172 25.89 -5.01 -31.31
N VAL B 173 25.73 -6.21 -30.79
CA VAL B 173 25.50 -6.35 -29.37
C VAL B 173 26.57 -7.21 -28.74
N ALA B 174 27.24 -6.69 -27.70
CA ALA B 174 28.31 -7.40 -26.97
C ALA B 174 27.74 -8.48 -26.04
N SER B 175 26.59 -8.17 -25.43
CA SER B 175 26.11 -8.89 -24.30
C SER B 175 24.60 -8.76 -24.12
N ILE B 176 24.03 -9.89 -23.66
CA ILE B 176 22.67 -9.99 -23.25
C ILE B 176 22.63 -10.53 -21.81
N THR B 177 22.16 -9.69 -20.92
CA THR B 177 22.05 -10.16 -19.56
C THR B 177 20.62 -9.89 -19.06
N THR B 178 20.00 -10.89 -18.43
CA THR B 178 18.61 -10.90 -18.11
C THR B 178 18.40 -11.06 -16.60
N LEU B 179 17.55 -10.20 -16.01
CA LEU B 179 17.18 -10.31 -14.60
C LEU B 179 15.75 -10.76 -14.43
N ALA B 180 15.54 -11.93 -13.84
CA ALA B 180 14.17 -12.43 -13.56
C ALA B 180 13.29 -12.32 -14.83
N THR B 181 13.80 -12.80 -15.96
CA THR B 181 13.17 -12.85 -17.21
C THR B 181 12.46 -14.17 -17.36
N PRO B 182 11.13 -14.16 -17.73
CA PRO B 182 10.45 -15.47 -17.90
C PRO B 182 10.79 -16.19 -19.26
N HIS B 183 12.00 -16.64 -19.46
CA HIS B 183 12.38 -17.23 -20.73
C HIS B 183 11.43 -18.37 -21.15
N ASN B 184 10.81 -19.03 -20.18
CA ASN B 184 9.86 -20.11 -20.50
C ASN B 184 8.45 -19.80 -20.01
N GLY B 185 8.13 -18.50 -19.87
CA GLY B 185 6.79 -18.05 -19.52
C GLY B 185 6.49 -18.17 -18.06
N SER B 186 5.29 -17.78 -17.69
CA SER B 186 4.91 -17.84 -16.30
C SER B 186 3.45 -18.15 -16.30
N GLN B 187 3.07 -18.95 -15.34
CA GLN B 187 1.72 -19.39 -15.19
C GLN B 187 0.90 -18.22 -14.70
N ALA B 188 1.57 -17.24 -14.13
CA ALA B 188 0.88 -16.05 -13.74
C ALA B 188 0.27 -15.35 -15.02
N ALA B 189 0.85 -15.60 -16.20
CA ALA B 189 0.22 -15.18 -17.48
C ALA B 189 -0.86 -16.16 -17.94
N ASP B 190 -0.53 -17.45 -18.07
CA ASP B 190 -1.53 -18.44 -18.46
C ASP B 190 -2.81 -18.34 -17.61
N LYS B 191 -2.65 -18.19 -16.30
CA LYS B 191 -3.79 -18.09 -15.39
C LYS B 191 -4.20 -16.63 -15.18
N PHE B 192 -3.23 -15.79 -14.83
CA PHE B 192 -3.50 -14.38 -14.60
C PHE B 192 -2.63 -13.49 -15.49
N GLY B 193 -3.23 -12.46 -16.06
CA GLY B 193 -2.52 -11.55 -16.93
C GLY B 193 -2.68 -11.90 -18.39
N ASN B 194 -3.43 -12.97 -18.66
CA ASN B 194 -3.67 -13.41 -20.03
C ASN B 194 -5.15 -13.71 -20.26
N THR B 195 -5.84 -14.09 -19.20
CA THR B 195 -7.25 -14.42 -19.28
C THR B 195 -8.05 -13.25 -20.01
N GLU B 196 -9.19 -13.61 -20.59
CA GLU B 196 -10.15 -12.65 -21.16
C GLU B 196 -10.42 -11.46 -20.25
N ALA B 197 -10.93 -11.73 -19.02
CA ALA B 197 -11.35 -10.62 -18.17
C ALA B 197 -10.20 -9.69 -17.90
N VAL B 198 -8.95 -10.24 -17.79
CA VAL B 198 -7.88 -9.33 -17.49
C VAL B 198 -7.29 -8.61 -18.70
N ARG B 199 -7.18 -9.29 -19.85
CA ARG B 199 -6.90 -8.51 -21.06
C ARG B 199 -7.87 -7.30 -21.20
N LYS B 200 -9.16 -7.50 -20.91
CA LYS B 200 -10.11 -6.40 -21.04
C LYS B 200 -9.79 -5.22 -20.15
N ILE B 201 -9.42 -5.52 -18.89
CA ILE B 201 -8.99 -4.48 -17.93
C ILE B 201 -7.76 -3.70 -18.48
N MET B 202 -6.78 -4.42 -18.99
CA MET B 202 -5.55 -3.82 -19.49
C MET B 202 -5.85 -2.86 -20.71
N PHE B 203 -6.60 -3.41 -21.66
CA PHE B 203 -6.99 -2.69 -22.89
C PHE B 203 -7.88 -1.50 -22.52
N ALA B 204 -8.84 -1.71 -21.62
CA ALA B 204 -9.57 -0.59 -21.06
C ALA B 204 -8.69 0.59 -20.59
N LEU B 205 -7.61 0.25 -19.87
CA LEU B 205 -6.77 1.28 -19.27
C LEU B 205 -6.00 1.95 -20.39
N ASN B 206 -5.53 1.14 -21.35
CA ASN B 206 -4.85 1.72 -22.46
C ASN B 206 -5.81 2.66 -23.24
N ARG B 207 -7.09 2.29 -23.26
CA ARG B 207 -8.07 3.11 -23.99
C ARG B 207 -8.10 4.41 -23.24
N PHE B 208 -8.29 4.35 -21.93
CA PHE B 208 -8.38 5.59 -21.21
C PHE B 208 -7.11 6.46 -21.30
N MET B 209 -5.92 5.86 -21.22
CA MET B 209 -4.69 6.68 -21.26
C MET B 209 -4.39 7.20 -22.64
N GLY B 210 -5.15 6.76 -23.64
CA GLY B 210 -5.11 7.40 -24.94
C GLY B 210 -6.00 8.66 -25.02
N ASN B 211 -6.70 9.07 -23.95
CA ASN B 211 -7.63 10.15 -24.09
C ASN B 211 -6.83 11.38 -24.44
N LYS B 212 -7.50 12.41 -24.94
CA LYS B 212 -6.82 13.57 -25.50
C LYS B 212 -6.18 14.53 -24.47
N TYR B 213 -6.22 14.23 -23.17
CA TYR B 213 -5.56 15.03 -22.13
C TYR B 213 -4.36 14.22 -21.56
N SER B 214 -4.07 13.09 -22.16
CA SER B 214 -3.10 12.23 -21.57
C SER B 214 -1.76 12.48 -22.13
N ASN B 215 -0.78 12.60 -21.25
CA ASN B 215 0.64 12.81 -21.59
C ASN B 215 1.41 11.52 -21.48
N ILE B 216 0.74 10.42 -21.17
CA ILE B 216 1.46 9.20 -21.03
C ILE B 216 1.01 8.12 -21.96
N ASP B 217 2.02 7.49 -22.57
CA ASP B 217 1.93 6.52 -23.59
C ASP B 217 2.20 5.08 -23.07
N LEU B 218 1.19 4.24 -23.01
CA LEU B 218 1.22 2.93 -22.42
C LEU B 218 1.61 1.93 -23.50
N GLY B 219 1.88 2.43 -24.72
CA GLY B 219 2.37 1.54 -25.77
C GLY B 219 1.49 0.66 -26.67
N LEU B 220 0.20 0.97 -26.78
CA LEU B 220 -0.67 0.25 -27.69
C LEU B 220 -1.37 1.25 -28.62
N THR B 221 -0.79 2.41 -28.87
CA THR B 221 -1.49 3.40 -29.73
C THR B 221 -1.43 2.94 -31.19
N GLN B 222 -0.48 2.09 -31.57
CA GLN B 222 -0.56 1.46 -32.87
C GLN B 222 -1.90 0.71 -33.11
N TRP B 223 -2.60 0.31 -32.05
CA TRP B 223 -3.85 -0.41 -32.20
C TRP B 223 -5.09 0.50 -32.35
N GLY B 224 -4.87 1.81 -32.34
CA GLY B 224 -5.99 2.79 -32.43
C GLY B 224 -6.18 3.57 -31.12
N PHE B 225 -5.53 3.16 -30.00
CA PHE B 225 -5.76 3.83 -28.70
C PHE B 225 -5.18 5.26 -28.54
N LYS B 226 -5.53 6.20 -29.43
CA LYS B 226 -5.22 7.57 -29.19
C LYS B 226 -6.50 8.31 -29.62
N GLN B 227 -7.13 9.03 -28.70
CA GLN B 227 -8.29 9.93 -28.98
C GLN B 227 -7.89 11.11 -29.89
N LEU B 228 -8.62 11.33 -31.01
CA LEU B 228 -8.38 12.60 -31.85
C LEU B 228 -8.79 13.88 -31.12
N PRO B 229 -8.12 15.00 -31.43
CA PRO B 229 -8.44 16.22 -30.62
C PRO B 229 -9.92 16.68 -30.65
N ASN B 230 -10.65 16.46 -31.76
CA ASN B 230 -12.08 16.87 -31.83
C ASN B 230 -13.07 15.73 -31.71
N GLU B 231 -12.59 14.53 -31.31
CA GLU B 231 -13.40 13.26 -31.18
C GLU B 231 -13.88 13.19 -29.74
N SER B 232 -15.14 12.87 -29.55
CA SER B 232 -15.75 12.79 -28.24
C SER B 232 -15.44 11.40 -27.65
N TYR B 233 -15.55 11.26 -26.32
CA TYR B 233 -15.10 9.99 -25.71
C TYR B 233 -15.99 8.85 -26.17
N ILE B 234 -17.30 9.14 -26.29
CA ILE B 234 -18.25 8.19 -26.93
C ILE B 234 -17.83 7.61 -28.31
N ASP B 235 -17.43 8.46 -29.24
CA ASP B 235 -17.06 8.04 -30.63
C ASP B 235 -15.78 7.23 -30.57
N TYR B 236 -14.84 7.69 -29.72
CA TYR B 236 -13.57 6.99 -29.43
C TYR B 236 -13.86 5.56 -29.00
N ILE B 237 -14.72 5.43 -27.99
CA ILE B 237 -15.11 4.10 -27.56
C ILE B 237 -15.59 3.28 -28.76
N LYS B 238 -16.55 3.82 -29.53
CA LYS B 238 -17.08 3.13 -30.71
C LYS B 238 -15.97 2.74 -31.66
N ARG B 239 -15.13 3.68 -32.01
CA ARG B 239 -14.09 3.42 -33.01
C ARG B 239 -13.13 2.33 -32.52
N VAL B 240 -12.68 2.45 -31.30
CA VAL B 240 -11.50 1.57 -30.90
C VAL B 240 -11.99 0.14 -30.53
N SER B 241 -13.31 0.07 -30.37
CA SER B 241 -14.05 -1.17 -30.21
C SER B 241 -13.87 -2.09 -31.39
N LYS B 242 -13.53 -1.55 -32.54
CA LYS B 242 -13.42 -2.38 -33.70
C LYS B 242 -12.00 -2.83 -33.90
N SER B 243 -11.08 -2.45 -33.00
CA SER B 243 -9.66 -2.74 -33.19
C SER B 243 -9.44 -4.25 -33.04
N LYS B 244 -8.45 -4.80 -33.72
CA LYS B 244 -8.18 -6.24 -33.51
C LYS B 244 -7.46 -6.57 -32.15
N ILE B 245 -7.07 -5.53 -31.39
CA ILE B 245 -6.33 -5.71 -30.12
C ILE B 245 -7.10 -6.65 -29.21
N TRP B 246 -8.42 -6.47 -29.12
CA TRP B 246 -9.29 -7.23 -28.24
C TRP B 246 -9.18 -8.75 -28.35
N THR B 247 -8.81 -9.27 -29.52
CA THR B 247 -8.72 -10.71 -29.73
C THR B 247 -7.29 -11.14 -30.21
N SER B 248 -6.37 -10.24 -30.48
CA SER B 248 -5.08 -10.60 -30.98
C SER B 248 -4.16 -11.33 -29.90
N ASP B 249 -3.15 -12.06 -30.37
CA ASP B 249 -1.94 -12.45 -29.66
C ASP B 249 -0.74 -11.48 -29.80
N ASP B 250 -0.78 -10.46 -30.69
CA ASP B 250 0.30 -9.42 -30.82
C ASP B 250 0.27 -8.55 -29.52
N ASN B 251 0.39 -9.20 -28.36
CA ASN B 251 0.42 -8.43 -27.08
C ASN B 251 1.23 -9.12 -25.92
N ALA B 252 1.65 -8.31 -24.96
CA ALA B 252 2.55 -8.79 -23.88
C ALA B 252 1.91 -9.99 -23.11
N ALA B 253 0.66 -9.82 -22.66
CA ALA B 253 0.01 -10.90 -21.93
C ALA B 253 0.18 -12.26 -22.60
N TYR B 254 -0.05 -12.34 -23.92
CA TYR B 254 0.10 -13.64 -24.61
C TYR B 254 1.58 -14.09 -24.60
N ASP B 255 2.48 -13.15 -24.92
CA ASP B 255 3.90 -13.47 -25.03
C ASP B 255 4.52 -13.96 -23.64
N LEU B 256 3.95 -13.57 -22.49
CA LEU B 256 4.43 -14.01 -21.21
C LEU B 256 3.86 -15.41 -20.83
N THR B 257 2.99 -15.97 -21.63
CA THR B 257 2.46 -17.30 -21.31
C THR B 257 3.52 -18.35 -21.62
N LEU B 258 3.30 -19.58 -21.15
CA LEU B 258 4.16 -20.71 -21.50
C LEU B 258 4.22 -20.90 -23.01
N ASP B 259 3.06 -20.97 -23.71
CA ASP B 259 3.17 -21.12 -25.16
C ASP B 259 3.80 -19.89 -25.84
N GLY B 260 3.39 -18.71 -25.39
CA GLY B 260 3.97 -17.45 -25.89
C GLY B 260 5.50 -17.43 -25.85
N SER B 261 6.10 -17.75 -24.68
CA SER B 261 7.56 -17.72 -24.54
C SER B 261 8.21 -18.93 -25.23
N ALA B 262 7.58 -20.10 -25.18
CA ALA B 262 8.13 -21.25 -25.97
C ALA B 262 8.27 -20.83 -27.46
N LYS B 263 7.26 -20.17 -28.05
CA LYS B 263 7.34 -19.71 -29.48
C LYS B 263 8.58 -18.86 -29.71
N LEU B 264 8.85 -17.91 -28.83
CA LEU B 264 10.09 -17.12 -28.94
C LEU B 264 11.34 -17.99 -28.80
N ASN B 265 11.30 -18.96 -27.90
CA ASN B 265 12.47 -19.88 -27.81
C ASN B 265 12.69 -20.68 -29.10
N ASN B 266 11.61 -21.06 -29.77
CA ASN B 266 11.67 -21.93 -30.99
C ASN B 266 12.13 -21.19 -32.19
N MET B 267 12.22 -19.86 -32.12
CA MET B 267 12.80 -19.10 -33.21
C MET B 267 13.99 -18.19 -32.85
N THR B 268 14.58 -18.34 -31.66
CA THR B 268 15.84 -17.65 -31.39
C THR B 268 16.97 -18.70 -31.41
N SER B 269 18.20 -18.23 -31.40
CA SER B 269 19.29 -19.18 -31.32
C SER B 269 20.53 -18.48 -30.71
N MET B 270 21.60 -19.22 -30.39
CA MET B 270 22.72 -18.56 -29.74
C MET B 270 23.63 -17.82 -30.71
N ASN B 271 23.80 -16.52 -30.58
CA ASN B 271 24.89 -15.89 -31.33
C ASN B 271 26.25 -16.27 -30.66
N PRO B 272 27.19 -16.89 -31.42
CA PRO B 272 28.38 -17.33 -30.62
C PRO B 272 29.34 -16.19 -30.22
N ASN B 273 29.13 -14.94 -30.62
CA ASN B 273 29.99 -13.82 -30.18
C ASN B 273 29.38 -12.98 -29.10
N ILE B 274 28.18 -13.38 -28.68
CA ILE B 274 27.52 -12.62 -27.65
C ILE B 274 27.80 -13.31 -26.27
N THR B 275 27.92 -12.48 -25.22
CA THR B 275 28.08 -13.01 -23.86
C THR B 275 26.74 -12.96 -23.18
N TYR B 276 26.23 -14.14 -22.87
CA TYR B 276 24.92 -14.28 -22.27
C TYR B 276 25.03 -14.59 -20.74
N THR B 277 24.34 -13.80 -19.93
CA THR B 277 24.24 -14.15 -18.53
C THR B 277 22.77 -13.94 -17.98
N THR B 278 22.34 -14.78 -17.01
CA THR B 278 20.99 -14.65 -16.38
C THR B 278 21.04 -14.62 -14.84
N TYR B 279 20.08 -13.92 -14.23
CA TYR B 279 19.95 -13.85 -12.77
C TYR B 279 18.56 -14.24 -12.39
N THR B 280 18.31 -14.74 -11.18
CA THR B 280 17.00 -15.34 -10.82
C THR B 280 16.85 -15.16 -9.34
N GLY B 281 15.66 -14.85 -8.89
CA GLY B 281 15.39 -14.62 -7.48
C GLY B 281 14.49 -15.73 -7.00
N VAL B 282 14.47 -16.03 -5.68
CA VAL B 282 13.50 -16.95 -5.11
C VAL B 282 12.94 -16.22 -3.94
N SER B 283 11.62 -16.30 -3.71
CA SER B 283 11.02 -15.59 -2.58
C SER B 283 9.84 -16.38 -2.16
N SER B 284 9.92 -17.69 -2.44
CA SER B 284 8.93 -18.66 -1.98
C SER B 284 9.59 -19.77 -1.09
N HIS B 285 8.78 -20.47 -0.28
CA HIS B 285 9.30 -21.56 0.59
C HIS B 285 8.33 -22.73 0.47
N THR B 286 8.85 -23.94 0.68
CA THR B 286 8.06 -25.20 0.65
C THR B 286 7.11 -25.32 1.85
N GLY B 287 5.80 -25.48 1.63
CA GLY B 287 4.81 -25.73 2.70
C GLY B 287 4.70 -27.22 3.02
N PRO B 288 3.79 -27.60 3.94
CA PRO B 288 3.95 -29.00 4.43
C PRO B 288 3.62 -30.04 3.32
N LEU B 289 2.78 -29.64 2.33
CA LEU B 289 2.37 -30.51 1.22
C LEU B 289 3.31 -30.53 0.01
N GLY B 290 4.42 -29.78 0.04
CA GLY B 290 5.34 -29.71 -1.12
C GLY B 290 4.98 -28.51 -2.05
N TYR B 291 3.93 -27.75 -1.68
CA TYR B 291 3.63 -26.55 -2.46
C TYR B 291 4.50 -25.37 -2.03
N GLU B 292 4.63 -24.35 -2.90
CA GLU B 292 5.41 -23.16 -2.62
C GLU B 292 4.50 -21.97 -2.30
N ASN B 293 4.74 -21.37 -1.14
CA ASN B 293 4.04 -20.15 -0.73
C ASN B 293 5.00 -19.00 -0.63
N PRO B 294 4.49 -17.74 -0.85
CA PRO B 294 5.39 -16.56 -0.87
C PRO B 294 5.94 -16.29 0.53
N ASP B 295 7.22 -15.93 0.60
CA ASP B 295 7.87 -15.45 1.85
C ASP B 295 7.22 -14.17 2.29
N LEU B 296 7.25 -13.92 3.60
CA LEU B 296 7.00 -12.59 4.18
C LEU B 296 7.92 -11.63 3.41
N GLY B 297 7.52 -10.43 3.06
CA GLY B 297 8.59 -9.70 2.30
C GLY B 297 8.53 -9.75 0.76
N THR B 298 7.85 -10.78 0.21
CA THR B 298 7.53 -10.82 -1.23
C THR B 298 6.62 -9.56 -1.39
N PHE B 299 6.97 -8.63 -2.25
CA PHE B 299 6.06 -7.50 -2.50
C PHE B 299 4.57 -7.95 -2.57
N PHE B 300 3.70 -7.33 -1.77
CA PHE B 300 2.40 -7.89 -1.48
C PHE B 300 1.53 -7.97 -2.78
N LEU B 301 1.77 -7.14 -3.80
CA LEU B 301 0.95 -7.25 -5.03
C LEU B 301 1.18 -8.58 -5.71
N MET B 302 2.22 -9.34 -5.27
CA MET B 302 2.50 -10.68 -5.81
C MET B 302 2.04 -11.92 -4.99
N ASP B 303 1.30 -11.72 -3.87
CA ASP B 303 0.85 -12.85 -2.98
C ASP B 303 0.11 -13.89 -3.78
N THR B 304 -0.89 -13.44 -4.58
CA THR B 304 -1.78 -14.37 -5.28
C THR B 304 -1.03 -15.02 -6.44
N THR B 305 -0.33 -14.22 -7.28
CA THR B 305 0.39 -14.80 -8.40
C THR B 305 1.47 -15.84 -7.91
N SER B 306 2.12 -15.55 -6.76
CA SER B 306 3.08 -16.48 -6.14
C SER B 306 2.36 -17.76 -5.80
N ARG B 307 1.21 -17.69 -5.12
CA ARG B 307 0.46 -18.93 -4.82
C ARG B 307 0.01 -19.68 -6.10
N ILE B 308 -0.29 -18.97 -7.18
CA ILE B 308 -0.81 -19.70 -8.32
C ILE B 308 0.33 -20.55 -8.91
N ILE B 309 1.48 -19.91 -9.02
CA ILE B 309 2.69 -20.55 -9.54
C ILE B 309 3.10 -21.70 -8.59
N GLY B 310 3.12 -21.36 -7.28
CA GLY B 310 3.63 -22.23 -6.24
C GLY B 310 2.79 -23.49 -6.05
N HIS B 311 1.53 -23.46 -6.50
CA HIS B 311 0.63 -24.63 -6.41
C HIS B 311 0.53 -25.41 -7.73
N ASP B 312 1.47 -25.15 -8.63
CA ASP B 312 1.48 -25.90 -9.86
C ASP B 312 1.50 -27.42 -9.70
N ALA B 313 0.86 -28.15 -10.60
CA ALA B 313 0.88 -29.61 -10.49
C ALA B 313 2.27 -30.28 -10.74
N ARG B 314 3.13 -29.67 -11.55
CA ARG B 314 4.48 -30.15 -11.87
C ARG B 314 5.43 -29.47 -10.79
N GLU B 315 5.98 -30.27 -9.87
CA GLU B 315 6.89 -29.77 -8.82
C GLU B 315 8.03 -28.78 -9.23
N GLU B 316 8.72 -29.05 -10.35
CA GLU B 316 9.84 -28.20 -10.80
C GLU B 316 9.39 -26.78 -11.21
N TRP B 317 8.08 -26.54 -11.36
CA TRP B 317 7.52 -25.24 -11.80
C TRP B 317 7.01 -24.39 -10.63
N ARG B 318 7.30 -24.81 -9.39
CA ARG B 318 6.74 -24.17 -8.24
C ARG B 318 7.55 -23.05 -7.61
N LYS B 319 8.83 -23.28 -7.33
CA LYS B 319 9.68 -22.25 -6.71
C LYS B 319 9.61 -21.00 -7.65
N ASN B 320 9.53 -19.79 -7.05
CA ASN B 320 9.32 -18.58 -7.83
C ASN B 320 9.74 -17.33 -7.11
N ASP B 321 9.83 -16.21 -7.84
CA ASP B 321 10.19 -14.88 -7.28
C ASP B 321 8.96 -13.98 -6.98
N GLY B 322 7.79 -14.60 -7.04
CA GLY B 322 6.55 -13.93 -6.85
C GLY B 322 5.73 -13.92 -8.12
N VAL B 323 6.39 -13.80 -9.26
CA VAL B 323 5.69 -13.70 -10.52
C VAL B 323 6.27 -14.54 -11.67
N VAL B 324 7.53 -14.90 -11.59
CA VAL B 324 8.18 -15.83 -12.48
C VAL B 324 8.81 -17.04 -11.76
N PRO B 325 8.48 -18.27 -12.24
CA PRO B 325 9.04 -19.49 -11.62
C PRO B 325 10.51 -19.63 -11.97
N VAL B 326 11.32 -20.11 -11.00
CA VAL B 326 12.78 -20.26 -11.21
C VAL B 326 13.15 -20.93 -12.55
N ILE B 327 12.53 -22.08 -12.85
CA ILE B 327 12.77 -22.93 -14.03
C ILE B 327 12.56 -22.03 -15.24
N SER B 328 11.72 -20.97 -15.14
CA SER B 328 11.56 -20.07 -16.31
C SER B 328 12.69 -19.03 -16.45
N SER B 329 13.09 -18.40 -15.34
CA SER B 329 14.18 -17.39 -15.27
C SER B 329 15.63 -17.83 -15.57
N LEU B 330 15.95 -19.11 -15.31
CA LEU B 330 17.33 -19.63 -15.33
C LEU B 330 17.97 -19.55 -16.72
N HIS B 331 17.28 -20.07 -17.74
CA HIS B 331 17.68 -20.07 -19.16
C HIS B 331 16.51 -20.50 -20.06
N PRO B 332 16.48 -20.08 -21.34
CA PRO B 332 15.48 -20.71 -22.22
C PRO B 332 15.64 -22.22 -22.20
N SER B 333 14.55 -22.96 -22.03
CA SER B 333 14.66 -24.41 -21.78
C SER B 333 15.37 -25.22 -22.90
N ASN B 334 15.35 -24.69 -24.10
CA ASN B 334 15.89 -25.47 -25.19
C ASN B 334 17.22 -24.89 -25.67
N GLN B 335 17.83 -23.97 -24.93
CA GLN B 335 19.13 -23.39 -25.38
C GLN B 335 20.27 -23.76 -24.42
N PRO B 336 21.52 -23.72 -24.90
CA PRO B 336 22.57 -24.24 -23.98
C PRO B 336 22.95 -23.28 -22.81
N PHE B 337 23.32 -23.87 -21.68
CA PHE B 337 23.69 -23.11 -20.48
C PHE B 337 24.75 -23.83 -19.58
N VAL B 338 25.26 -23.08 -18.62
CA VAL B 338 26.25 -23.52 -17.68
C VAL B 338 26.04 -22.69 -16.43
N ASN B 339 25.82 -23.41 -15.33
CA ASN B 339 25.86 -22.82 -13.96
C ASN B 339 27.23 -22.33 -13.65
N VAL B 340 27.25 -21.08 -13.28
CA VAL B 340 28.43 -20.34 -13.00
C VAL B 340 28.30 -19.96 -11.50
N THR B 341 29.43 -19.62 -10.92
CA THR B 341 29.62 -19.28 -9.51
C THR B 341 29.52 -17.78 -9.43
N ASN B 342 29.34 -17.17 -8.25
CA ASN B 342 29.44 -15.67 -8.19
C ASN B 342 30.80 -15.04 -8.53
N ASN B 343 31.86 -15.85 -8.47
CA ASN B 343 33.14 -15.28 -8.57
C ASN B 343 33.76 -15.57 -9.91
N GLU B 344 33.23 -16.54 -10.70
CA GLU B 344 33.91 -16.80 -12.06
C GLU B 344 33.69 -15.64 -12.97
N PRO B 345 34.76 -15.11 -13.61
CA PRO B 345 34.45 -14.04 -14.54
C PRO B 345 33.47 -14.56 -15.64
N ALA B 346 32.40 -13.80 -15.87
CA ALA B 346 31.25 -14.24 -16.69
C ALA B 346 31.52 -13.93 -18.17
N THR B 347 32.43 -14.67 -18.71
CA THR B 347 33.20 -14.24 -19.82
C THR B 347 33.05 -15.12 -21.08
N ARG B 348 32.38 -16.26 -20.91
CA ARG B 348 32.05 -17.20 -21.97
C ARG B 348 30.98 -16.61 -22.96
N ARG B 349 31.32 -16.79 -24.21
CA ARG B 349 30.53 -16.42 -25.37
C ARG B 349 29.58 -17.57 -25.79
N GLY B 350 28.38 -17.26 -26.28
CA GLY B 350 27.57 -18.34 -26.86
C GLY B 350 26.84 -19.29 -25.93
N ILE B 351 26.71 -18.98 -24.66
CA ILE B 351 26.13 -19.97 -23.72
C ILE B 351 25.57 -19.16 -22.57
N TRP B 352 24.41 -19.59 -22.10
CA TRP B 352 23.71 -18.86 -21.07
C TRP B 352 24.47 -19.14 -19.78
N GLN B 353 25.09 -18.12 -19.21
CA GLN B 353 25.80 -18.30 -17.92
C GLN B 353 24.83 -18.05 -16.80
N VAL B 354 24.39 -19.11 -16.11
CA VAL B 354 23.38 -18.94 -15.08
C VAL B 354 23.95 -18.70 -13.68
N LYS B 355 23.79 -17.46 -13.26
CA LYS B 355 24.32 -16.91 -12.04
C LYS B 355 23.61 -17.53 -10.82
N PRO B 356 24.25 -17.67 -9.66
CA PRO B 356 23.44 -18.39 -8.62
C PRO B 356 22.25 -17.56 -8.12
N ILE B 357 21.17 -18.23 -7.82
CA ILE B 357 19.94 -17.67 -7.44
C ILE B 357 20.09 -16.73 -6.28
N LEU B 358 19.41 -15.58 -6.30
CA LEU B 358 19.42 -14.60 -5.20
C LEU B 358 18.32 -14.91 -4.19
N GLN B 359 18.74 -15.48 -3.07
CA GLN B 359 17.85 -15.95 -2.00
C GLN B 359 17.14 -14.83 -1.33
N GLY B 360 15.82 -14.91 -1.14
CA GLY B 360 15.01 -13.74 -0.61
C GLY B 360 14.72 -12.57 -1.58
N TRP B 361 15.25 -12.59 -2.82
CA TRP B 361 15.03 -11.50 -3.77
C TRP B 361 13.76 -11.80 -4.53
N ASP B 362 12.74 -10.94 -4.38
CA ASP B 362 11.57 -11.25 -5.22
C ASP B 362 11.72 -10.56 -6.54
N HIS B 363 10.75 -10.79 -7.45
CA HIS B 363 10.76 -10.17 -8.80
C HIS B 363 11.13 -8.69 -8.92
N VAL B 364 10.64 -7.94 -7.99
CA VAL B 364 10.83 -6.53 -8.01
C VAL B 364 11.95 -6.06 -7.11
N ASP B 365 12.52 -6.95 -6.24
CA ASP B 365 13.70 -6.50 -5.52
C ASP B 365 14.87 -6.25 -6.53
N PHE B 366 14.88 -6.95 -7.68
CA PHE B 366 15.85 -6.67 -8.76
C PHE B 366 15.93 -5.20 -9.20
N ILE B 367 14.85 -4.44 -9.00
CA ILE B 367 14.85 -3.08 -9.53
C ILE B 367 14.56 -2.13 -8.41
N GLY B 368 14.46 -2.67 -7.20
CA GLY B 368 14.57 -1.87 -6.01
C GLY B 368 13.28 -1.21 -5.57
N VAL B 369 12.16 -1.57 -6.18
CA VAL B 369 10.96 -0.81 -5.91
C VAL B 369 10.12 -1.38 -4.75
N ASP B 370 10.53 -2.47 -4.12
CA ASP B 370 9.75 -2.97 -2.95
C ASP B 370 10.10 -2.09 -1.74
N PHE B 371 9.50 -0.89 -1.68
CA PHE B 371 9.74 0.08 -0.59
C PHE B 371 9.37 -0.53 0.79
N LEU B 372 8.51 -1.56 0.82
CA LEU B 372 8.12 -2.25 2.07
C LEU B 372 9.11 -3.31 2.63
N ASP B 373 10.15 -3.70 1.88
CA ASP B 373 10.97 -4.79 2.33
C ASP B 373 12.32 -4.24 2.88
N PHE B 374 12.44 -4.09 4.21
CA PHE B 374 13.63 -3.47 4.81
C PHE B 374 14.89 -4.38 4.77
N LYS B 375 14.76 -5.70 4.54
CA LYS B 375 15.86 -6.60 4.30
C LYS B 375 16.61 -6.33 3.02
N ARG B 376 16.01 -5.64 2.01
CA ARG B 376 16.70 -5.46 0.67
C ARG B 376 17.13 -3.97 0.63
N LYS B 377 18.38 -3.68 0.96
CA LYS B 377 18.86 -2.33 1.18
C LYS B 377 19.54 -1.80 -0.08
N GLY B 378 19.62 -0.46 -0.17
CA GLY B 378 20.34 0.26 -1.22
C GLY B 378 21.75 -0.21 -1.49
N SER B 379 22.51 -0.38 -0.43
CA SER B 379 23.92 -0.77 -0.61
C SER B 379 24.01 -2.19 -1.24
N GLU B 380 23.12 -3.12 -0.83
CA GLU B 380 23.01 -4.43 -1.53
C GLU B 380 22.76 -4.22 -3.07
N LEU B 381 21.85 -3.30 -3.42
CA LEU B 381 21.43 -3.18 -4.81
C LEU B 381 22.53 -2.46 -5.58
N ALA B 382 23.14 -1.47 -4.94
CA ALA B 382 24.40 -0.89 -5.46
C ALA B 382 25.44 -2.01 -5.90
N ASN B 383 25.78 -2.95 -5.00
CA ASN B 383 26.81 -3.96 -5.35
C ASN B 383 26.33 -4.82 -6.44
N PHE B 384 25.04 -5.21 -6.39
CA PHE B 384 24.47 -6.02 -7.49
C PHE B 384 24.66 -5.33 -8.86
N TYR B 385 24.43 -4.02 -8.94
CA TYR B 385 24.48 -3.37 -10.28
C TYR B 385 25.93 -3.18 -10.70
N ILE B 386 26.80 -2.77 -9.73
CA ILE B 386 28.26 -2.63 -9.99
C ILE B 386 28.77 -4.03 -10.44
N GLY B 387 28.32 -5.07 -9.73
CA GLY B 387 28.56 -6.43 -10.18
C GLY B 387 28.35 -6.60 -11.68
N ILE B 388 27.18 -6.15 -12.16
CA ILE B 388 26.83 -6.36 -13.60
C ILE B 388 27.81 -5.59 -14.50
N ILE B 389 28.09 -4.34 -14.12
CA ILE B 389 28.99 -3.50 -14.89
C ILE B 389 30.39 -4.12 -14.91
N ASN B 390 30.88 -4.62 -13.75
CA ASN B 390 32.22 -5.21 -13.75
C ASN B 390 32.21 -6.39 -14.73
N ASP B 391 31.17 -7.24 -14.69
CA ASP B 391 31.14 -8.30 -15.72
C ASP B 391 31.11 -7.78 -17.17
N LEU B 392 30.49 -6.61 -17.42
CA LEU B 392 30.46 -6.05 -18.76
C LEU B 392 31.84 -5.52 -19.20
N LEU B 393 32.48 -4.76 -18.31
CA LEU B 393 33.92 -4.44 -18.42
C LEU B 393 34.83 -5.62 -18.81
N SER B 394 34.61 -6.79 -18.20
CA SER B 394 35.32 -8.03 -18.55
C SER B 394 35.08 -8.48 -19.97
N VAL B 395 33.83 -8.36 -20.42
CA VAL B 395 33.44 -8.70 -21.79
C VAL B 395 34.31 -7.84 -22.67
N GLU B 396 34.39 -6.54 -22.38
CA GLU B 396 35.19 -5.60 -23.19
C GLU B 396 36.66 -6.04 -23.17
N ALA B 397 37.18 -6.20 -21.97
CA ALA B 397 38.59 -6.52 -21.77
C ALA B 397 39.05 -7.81 -22.47
N THR B 398 38.12 -8.71 -22.80
CA THR B 398 38.49 -10.00 -23.36
C THR B 398 37.95 -10.28 -24.79
N GLU B 399 37.91 -9.30 -25.72
CA GLU B 399 37.26 -9.56 -27.05
C GLU B 399 37.76 -10.68 -28.05
#